data_1P1K
#
_entry.id   1P1K
#
_cell.length_a   151.978
_cell.length_b   97.613
_cell.length_c   121.717
_cell.angle_alpha   90.00
_cell.angle_beta   126.15
_cell.angle_gamma   90.00
#
_symmetry.space_group_name_H-M   'C 1 2 1'
#
loop_
_entity.id
_entity.type
_entity.pdbx_description
1 polymer 'Inositol-3-phosphate synthase'
2 non-polymer '1,4-DIHYDRONICOTINAMIDE ADENINE DINUCLEOTIDE'
3 water water
#
_entity_poly.entity_id   1
_entity_poly.type   'polypeptide(L)'
_entity_poly.pdbx_seq_one_letter_code
;MTEDNIAPITSVKVVTDKCTYKDNELLTKYSYENAVVTKTASGRFDVTPTVQDYVFKLDLKKPEKLGIMLIGLGGNNGST
LVASVLANKHNVEFQTKEGVKQPNYFGSMTQCSTLKLGIDAEGNDVYAPFNSLLPMVSPNDFVVSGWDINNADLYEAMQR
SQVLEYDLQQRLKAKMSLVKPLPSIYYPDFIAANQDERANNCINLDEKGNVTTRGKWTHLQRIRRDIQNFKEENALDKVI
VLWTANTERYVEVSPGVNDTMENLLQSIKNDHEEIAPSTIFAAASILEGVPYINGSPQNTFVPGLVQLAEHEGTFIAGDD
LKSGQTKLKSVLAQFLVDAGIKPVSIASYNHLGNNDGYNLSAPKQFRSKEISKSSVIDDIIASNDILYNDKLGKKVDHCI
VIKYMKPVGDSKVAMDEYYSELMLGGHNRISIHNVCEDSLLATPLIIDLLVMTEFCTRVSYKKVDPVKEDAGKFENFYPV
LTFLSYWLKAPLTRPGFHPVNGLNKQRTALENFLRLLIGLPSQNELRFEERLL
;
_entity_poly.pdbx_strand_id   A,B
#
# COMPACT_ATOMS: atom_id res chain seq x y z
N ILE A 9 -24.13 -19.89 2.22
CA ILE A 9 -23.61 -18.49 2.15
C ILE A 9 -22.75 -18.21 3.38
N THR A 10 -21.64 -17.49 3.19
CA THR A 10 -20.77 -17.16 4.32
C THR A 10 -21.32 -15.93 5.05
N SER A 11 -21.19 -15.92 6.37
CA SER A 11 -21.66 -14.81 7.18
C SER A 11 -20.70 -14.57 8.33
N VAL A 12 -20.92 -13.49 9.05
CA VAL A 12 -20.06 -13.14 10.18
C VAL A 12 -20.90 -12.76 11.39
N LYS A 13 -20.64 -13.41 12.53
CA LYS A 13 -21.35 -13.09 13.76
C LYS A 13 -20.36 -12.61 14.82
N VAL A 14 -20.34 -11.31 15.08
CA VAL A 14 -19.44 -10.74 16.07
C VAL A 14 -20.11 -10.65 17.43
N VAL A 15 -19.62 -11.39 18.42
CA VAL A 15 -20.20 -11.32 19.76
C VAL A 15 -19.65 -10.08 20.46
N THR A 16 -20.43 -9.00 20.43
CA THR A 16 -20.03 -7.74 21.03
C THR A 16 -21.27 -7.12 21.66
N ASP A 17 -21.04 -6.24 22.63
CA ASP A 17 -22.14 -5.57 23.32
C ASP A 17 -22.34 -4.19 22.73
N LYS A 18 -21.61 -3.89 21.65
CA LYS A 18 -21.71 -2.61 20.96
C LYS A 18 -22.81 -2.64 19.90
N CYS A 19 -23.28 -3.84 19.56
CA CYS A 19 -24.28 -4.03 18.53
C CYS A 19 -25.58 -4.68 18.98
N THR A 20 -26.70 -4.06 18.60
CA THR A 20 -28.01 -4.59 18.93
C THR A 20 -28.89 -4.55 17.69
N TYR A 21 -29.77 -5.54 17.59
CA TYR A 21 -30.67 -5.63 16.45
C TYR A 21 -32.11 -5.29 16.80
N LYS A 22 -32.71 -4.44 15.99
CA LYS A 22 -34.10 -4.03 16.21
C LYS A 22 -34.85 -3.80 14.91
N ASP A 23 -35.79 -4.70 14.59
CA ASP A 23 -36.61 -4.58 13.39
C ASP A 23 -35.82 -4.37 12.11
N ASN A 24 -35.14 -5.41 11.64
CA ASN A 24 -34.37 -5.30 10.41
C ASN A 24 -33.32 -4.19 10.44
N GLU A 25 -32.90 -3.79 11.64
CA GLU A 25 -31.89 -2.76 11.76
C GLU A 25 -30.84 -3.11 12.80
N LEU A 26 -29.59 -2.79 12.49
CA LEU A 26 -28.48 -3.04 13.38
C LEU A 26 -28.08 -1.70 13.95
N LEU A 27 -27.93 -1.65 15.27
CA LEU A 27 -27.51 -0.44 15.96
C LEU A 27 -26.13 -0.69 16.55
N THR A 28 -25.18 0.17 16.20
CA THR A 28 -23.81 0.01 16.66
C THR A 28 -23.20 1.25 17.24
N LYS A 29 -22.69 1.14 18.46
CA LYS A 29 -22.03 2.24 19.15
C LYS A 29 -20.57 2.25 18.69
N TYR A 30 -19.98 3.43 18.52
CA TYR A 30 -18.60 3.52 18.08
C TYR A 30 -17.94 4.78 18.61
N SER A 31 -16.76 4.65 19.20
CA SER A 31 -16.06 5.81 19.71
C SER A 31 -14.97 6.17 18.70
N TYR A 32 -15.21 7.24 17.95
CA TYR A 32 -14.28 7.70 16.93
C TYR A 32 -13.16 8.53 17.52
N GLU A 33 -11.94 8.07 17.34
CA GLU A 33 -10.78 8.77 17.86
C GLU A 33 -9.90 9.37 16.79
N ASN A 34 -9.40 10.57 17.05
CA ASN A 34 -8.53 11.28 16.13
C ASN A 34 -7.70 12.21 17.00
N ALA A 35 -7.03 13.18 16.39
CA ALA A 35 -6.20 14.11 17.15
C ALA A 35 -5.98 15.36 16.36
N VAL A 36 -6.05 16.51 16.99
CA VAL A 36 -5.83 17.77 16.29
C VAL A 36 -4.39 18.17 16.58
N VAL A 37 -3.71 18.73 15.59
CA VAL A 37 -2.30 19.11 15.74
C VAL A 37 -2.01 20.56 15.37
N THR A 38 -0.98 21.09 16.02
CA THR A 38 -0.52 22.45 15.80
C THR A 38 1.00 22.41 15.92
N LYS A 39 1.68 23.17 15.08
CA LYS A 39 3.14 23.18 15.10
C LYS A 39 3.69 24.52 15.60
N THR A 40 4.22 24.51 16.83
CA THR A 40 4.80 25.69 17.45
C THR A 40 5.70 26.44 16.46
N ALA A 41 5.60 27.77 16.48
CA ALA A 41 6.42 28.58 15.59
C ALA A 41 7.85 28.03 15.62
N SER A 42 8.33 27.74 16.83
CA SER A 42 9.68 27.20 17.02
C SER A 42 9.87 25.92 16.21
N GLY A 43 8.94 24.97 16.34
CA GLY A 43 9.06 23.74 15.60
C GLY A 43 8.59 22.46 16.27
N ARG A 44 7.73 22.60 17.29
CA ARG A 44 7.22 21.42 17.98
C ARG A 44 5.79 21.14 17.54
N PHE A 45 5.33 19.92 17.78
CA PHE A 45 3.97 19.55 17.40
C PHE A 45 3.19 19.32 18.67
N ASP A 46 2.15 20.12 18.87
CA ASP A 46 1.29 19.99 20.04
C ASP A 46 0.10 19.17 19.55
N VAL A 47 -0.03 17.94 20.06
CA VAL A 47 -1.08 17.02 19.64
C VAL A 47 -2.17 16.75 20.67
N THR A 48 -3.38 17.17 20.36
CA THR A 48 -4.49 16.98 21.26
C THR A 48 -5.43 15.89 20.77
N PRO A 49 -5.46 14.75 21.48
CA PRO A 49 -6.35 13.68 21.04
C PRO A 49 -7.79 14.18 21.08
N THR A 50 -8.67 13.55 20.32
CA THR A 50 -10.07 13.93 20.32
C THR A 50 -10.87 12.64 20.29
N VAL A 51 -12.11 12.71 20.74
CA VAL A 51 -12.98 11.56 20.73
C VAL A 51 -14.37 12.07 20.49
N GLN A 52 -15.21 11.21 19.91
CA GLN A 52 -16.58 11.56 19.60
C GLN A 52 -17.31 10.24 19.41
N ASP A 53 -18.25 9.96 20.28
CA ASP A 53 -18.99 8.72 20.18
C ASP A 53 -20.15 8.84 19.22
N TYR A 54 -20.48 7.72 18.57
CA TYR A 54 -21.56 7.67 17.61
C TYR A 54 -22.34 6.38 17.76
N VAL A 55 -23.55 6.41 17.21
CA VAL A 55 -24.38 5.23 17.17
C VAL A 55 -24.78 5.20 15.71
N PHE A 56 -24.36 4.14 15.03
CA PHE A 56 -24.63 3.96 13.61
C PHE A 56 -25.85 3.07 13.48
N LYS A 57 -26.68 3.35 12.48
CA LYS A 57 -27.88 2.55 12.23
C LYS A 57 -27.79 2.02 10.80
N LEU A 58 -27.81 0.70 10.65
CA LEU A 58 -27.75 0.10 9.32
C LEU A 58 -29.03 -0.60 9.00
N ASP A 59 -29.69 -0.15 7.93
CA ASP A 59 -30.94 -0.76 7.49
C ASP A 59 -30.52 -2.11 6.90
N LEU A 60 -30.91 -3.20 7.54
CA LEU A 60 -30.53 -4.53 7.06
C LEU A 60 -31.31 -5.03 5.86
N LYS A 61 -32.54 -4.56 5.70
CA LYS A 61 -33.34 -5.01 4.57
C LYS A 61 -32.87 -4.31 3.29
N LYS A 62 -32.00 -5.00 2.54
CA LYS A 62 -31.48 -4.45 1.28
C LYS A 62 -32.49 -4.68 0.16
N PRO A 63 -32.44 -3.86 -0.90
CA PRO A 63 -33.39 -4.04 -2.00
C PRO A 63 -33.22 -5.36 -2.76
N GLU A 64 -34.33 -6.02 -3.08
CA GLU A 64 -34.26 -7.28 -3.82
C GLU A 64 -33.73 -7.05 -5.22
N LYS A 65 -33.94 -5.84 -5.74
CA LYS A 65 -33.46 -5.46 -7.08
C LYS A 65 -33.05 -3.99 -7.00
N LEU A 66 -31.92 -3.66 -7.61
CA LEU A 66 -31.45 -2.29 -7.57
C LEU A 66 -31.40 -1.74 -8.99
N GLY A 67 -32.09 -0.62 -9.20
CA GLY A 67 -32.10 -0.01 -10.50
C GLY A 67 -30.82 0.73 -10.75
N ILE A 68 -30.28 0.56 -11.95
CA ILE A 68 -29.07 1.22 -12.36
C ILE A 68 -29.34 1.88 -13.72
N MET A 69 -29.08 3.18 -13.81
CA MET A 69 -29.25 3.90 -15.06
C MET A 69 -27.94 4.55 -15.46
N LEU A 70 -27.35 4.02 -16.53
CA LEU A 70 -26.07 4.52 -17.03
C LEU A 70 -26.22 5.54 -18.16
N ILE A 71 -25.44 6.60 -18.06
CA ILE A 71 -25.41 7.62 -19.09
C ILE A 71 -24.17 7.19 -19.87
N GLY A 72 -24.40 6.63 -21.06
CA GLY A 72 -23.32 6.14 -21.89
C GLY A 72 -23.49 4.63 -21.92
N LEU A 73 -24.75 4.22 -21.76
CA LEU A 73 -25.12 2.81 -21.73
C LEU A 73 -24.66 1.98 -22.90
N GLY A 74 -24.39 2.63 -24.03
CA GLY A 74 -23.99 1.90 -25.21
C GLY A 74 -22.50 1.91 -25.48
N GLY A 75 -21.73 2.43 -24.53
CA GLY A 75 -20.30 2.51 -24.70
C GLY A 75 -19.62 1.21 -24.31
N ASN A 76 -18.29 1.24 -24.23
CA ASN A 76 -17.55 0.05 -23.85
C ASN A 76 -17.91 -0.44 -22.44
N ASN A 77 -17.96 0.48 -21.48
CA ASN A 77 -18.28 0.15 -20.09
C ASN A 77 -19.74 -0.21 -19.86
N GLY A 78 -20.65 0.55 -20.44
CA GLY A 78 -22.06 0.28 -20.24
C GLY A 78 -22.43 -1.08 -20.77
N SER A 79 -21.87 -1.35 -21.95
CA SER A 79 -22.08 -2.59 -22.68
C SER A 79 -21.58 -3.79 -21.86
N THR A 80 -20.33 -3.71 -21.43
CA THR A 80 -19.73 -4.77 -20.65
C THR A 80 -20.44 -4.94 -19.32
N LEU A 81 -20.86 -3.84 -18.71
CA LEU A 81 -21.56 -3.95 -17.44
C LEU A 81 -22.79 -4.82 -17.57
N VAL A 82 -23.67 -4.52 -18.51
CA VAL A 82 -24.87 -5.34 -18.69
C VAL A 82 -24.51 -6.79 -19.00
N ALA A 83 -23.50 -6.98 -19.84
CA ALA A 83 -23.08 -8.33 -20.20
C ALA A 83 -22.60 -9.09 -18.99
N SER A 84 -21.80 -8.43 -18.15
CA SER A 84 -21.27 -9.07 -16.95
C SER A 84 -22.42 -9.46 -16.04
N VAL A 85 -23.41 -8.59 -15.92
CA VAL A 85 -24.56 -8.89 -15.08
C VAL A 85 -25.35 -10.08 -15.61
N LEU A 86 -25.67 -10.06 -16.90
CA LEU A 86 -26.44 -11.14 -17.50
C LEU A 86 -25.69 -12.45 -17.43
N ALA A 87 -24.42 -12.42 -17.79
CA ALA A 87 -23.58 -13.62 -17.78
C ALA A 87 -23.48 -14.27 -16.41
N ASN A 88 -23.25 -13.45 -15.38
CA ASN A 88 -23.12 -13.95 -14.02
C ASN A 88 -24.45 -14.39 -13.43
N LYS A 89 -25.48 -13.59 -13.61
CA LYS A 89 -26.80 -13.93 -13.08
C LYS A 89 -27.32 -15.26 -13.62
N HIS A 90 -27.13 -15.52 -14.91
CA HIS A 90 -27.60 -16.75 -15.53
C HIS A 90 -26.49 -17.80 -15.71
N ASN A 91 -25.32 -17.53 -15.15
CA ASN A 91 -24.20 -18.46 -15.25
C ASN A 91 -24.01 -18.88 -16.70
N VAL A 92 -23.73 -17.89 -17.53
CA VAL A 92 -23.52 -18.12 -18.95
C VAL A 92 -22.07 -18.43 -19.25
N GLU A 93 -21.69 -19.70 -19.15
CA GLU A 93 -20.33 -20.09 -19.45
C GLU A 93 -20.11 -19.87 -20.94
N PHE A 94 -18.86 -19.67 -21.33
CA PHE A 94 -18.51 -19.41 -22.72
C PHE A 94 -17.21 -20.09 -23.10
N GLN A 95 -16.99 -20.18 -24.40
CA GLN A 95 -15.81 -20.80 -24.99
C GLN A 95 -14.73 -19.81 -25.36
N THR A 96 -13.49 -20.22 -25.19
CA THR A 96 -12.33 -19.40 -25.52
C THR A 96 -11.25 -20.38 -25.95
N LYS A 97 -10.06 -19.89 -26.30
CA LYS A 97 -9.02 -20.81 -26.70
C LYS A 97 -8.41 -21.55 -25.50
N GLU A 98 -8.76 -21.12 -24.29
CA GLU A 98 -8.27 -21.78 -23.09
C GLU A 98 -9.38 -22.67 -22.59
N GLY A 99 -10.42 -22.85 -23.40
CA GLY A 99 -11.54 -23.69 -23.02
C GLY A 99 -12.76 -22.95 -22.49
N VAL A 100 -13.65 -23.69 -21.85
CA VAL A 100 -14.88 -23.12 -21.31
C VAL A 100 -14.57 -22.36 -20.04
N LYS A 101 -15.04 -21.12 -19.96
CA LYS A 101 -14.82 -20.30 -18.78
C LYS A 101 -16.15 -20.03 -18.07
N GLN A 102 -16.12 -19.95 -16.75
CA GLN A 102 -17.33 -19.66 -16.01
C GLN A 102 -17.32 -18.16 -15.76
N PRO A 103 -18.49 -17.51 -15.83
CA PRO A 103 -18.54 -16.06 -15.60
C PRO A 103 -18.07 -15.77 -14.17
N ASN A 104 -17.65 -14.53 -13.92
CA ASN A 104 -17.24 -14.14 -12.58
C ASN A 104 -17.16 -12.64 -12.54
N TYR A 105 -16.75 -12.09 -11.39
CA TYR A 105 -16.65 -10.66 -11.27
C TYR A 105 -15.24 -10.27 -10.88
N PHE A 106 -14.25 -10.98 -11.41
CA PHE A 106 -12.88 -10.64 -11.08
C PHE A 106 -12.68 -9.15 -11.37
N GLY A 107 -11.80 -8.53 -10.57
CA GLY A 107 -11.56 -7.11 -10.73
C GLY A 107 -12.43 -6.29 -9.81
N SER A 108 -13.44 -6.92 -9.22
CA SER A 108 -14.36 -6.26 -8.29
C SER A 108 -13.93 -6.41 -6.83
N MET A 109 -13.57 -5.30 -6.22
CA MET A 109 -13.13 -5.28 -4.85
C MET A 109 -14.24 -5.78 -3.95
N THR A 110 -15.46 -5.37 -4.24
CA THR A 110 -16.61 -5.75 -3.45
C THR A 110 -17.02 -7.21 -3.57
N GLN A 111 -16.81 -7.79 -4.75
CA GLN A 111 -17.20 -9.17 -5.01
C GLN A 111 -16.10 -10.19 -4.86
N CYS A 112 -14.86 -9.78 -5.11
CA CYS A 112 -13.75 -10.72 -5.06
C CYS A 112 -12.57 -10.46 -4.12
N SER A 113 -12.70 -9.52 -3.19
CA SER A 113 -11.60 -9.27 -2.26
C SER A 113 -12.02 -9.72 -0.86
N THR A 114 -11.05 -9.88 0.04
CA THR A 114 -11.34 -10.32 1.40
C THR A 114 -10.84 -9.32 2.41
N LEU A 115 -11.33 -9.46 3.64
CA LEU A 115 -10.93 -8.61 4.75
C LEU A 115 -10.58 -9.51 5.92
N LYS A 116 -9.53 -9.13 6.66
CA LYS A 116 -9.12 -9.90 7.83
C LYS A 116 -10.05 -9.61 9.00
N LEU A 117 -10.71 -10.66 9.51
CA LEU A 117 -11.60 -10.52 10.65
C LEU A 117 -10.86 -10.67 11.97
N GLY A 118 -9.73 -11.38 11.94
CA GLY A 118 -8.95 -11.57 13.15
C GLY A 118 -8.01 -12.75 12.99
N ILE A 119 -7.71 -13.42 14.10
CA ILE A 119 -6.81 -14.58 14.09
C ILE A 119 -7.56 -15.80 14.61
N ASP A 120 -7.09 -16.99 14.25
CA ASP A 120 -7.76 -18.21 14.69
C ASP A 120 -7.21 -18.77 16.00
N ALA A 121 -7.71 -19.94 16.38
CA ALA A 121 -7.29 -20.58 17.61
C ALA A 121 -5.78 -20.82 17.63
N GLU A 122 -5.15 -20.77 16.47
CA GLU A 122 -3.72 -21.02 16.38
C GLU A 122 -2.86 -19.81 16.02
N GLY A 123 -3.46 -18.61 16.02
CA GLY A 123 -2.70 -17.40 15.70
C GLY A 123 -2.59 -16.99 14.24
N ASN A 124 -3.21 -17.76 13.35
CA ASN A 124 -3.16 -17.45 11.93
C ASN A 124 -4.31 -16.53 11.51
N ASP A 125 -3.99 -15.56 10.66
CA ASP A 125 -4.97 -14.60 10.16
C ASP A 125 -6.20 -15.28 9.54
N VAL A 126 -7.36 -14.66 9.70
CA VAL A 126 -8.59 -15.18 9.13
C VAL A 126 -9.28 -14.11 8.32
N TYR A 127 -9.53 -14.39 7.05
CA TYR A 127 -10.18 -13.44 6.17
C TYR A 127 -11.59 -13.87 5.77
N ALA A 128 -12.39 -12.91 5.37
CA ALA A 128 -13.75 -13.20 4.93
C ALA A 128 -14.05 -12.28 3.76
N PRO A 129 -15.04 -12.66 2.93
CA PRO A 129 -15.38 -11.83 1.78
C PRO A 129 -15.74 -10.41 2.20
N PHE A 130 -15.30 -9.44 1.41
CA PHE A 130 -15.55 -8.03 1.68
C PHE A 130 -17.05 -7.82 1.90
N ASN A 131 -17.86 -8.55 1.15
CA ASN A 131 -19.29 -8.41 1.24
C ASN A 131 -19.95 -9.44 2.13
N SER A 132 -19.19 -10.12 2.98
CA SER A 132 -19.78 -11.14 3.86
C SER A 132 -20.05 -10.58 5.25
N LEU A 133 -19.47 -9.43 5.55
CA LEU A 133 -19.66 -8.82 6.86
C LEU A 133 -21.08 -8.29 7.07
N LEU A 134 -21.50 -7.37 6.21
CA LEU A 134 -22.82 -6.77 6.28
C LEU A 134 -23.55 -6.91 4.94
N PRO A 135 -24.88 -6.97 4.98
CA PRO A 135 -25.71 -7.11 3.77
C PRO A 135 -25.46 -6.09 2.68
N MET A 136 -25.06 -6.59 1.51
CA MET A 136 -24.81 -5.74 0.35
C MET A 136 -25.58 -6.31 -0.85
N VAL A 137 -25.93 -5.45 -1.80
CA VAL A 137 -26.65 -5.88 -2.98
C VAL A 137 -25.69 -6.54 -3.96
N SER A 138 -26.09 -7.69 -4.50
CA SER A 138 -25.26 -8.39 -5.46
C SER A 138 -25.41 -7.78 -6.84
N PRO A 139 -24.31 -7.69 -7.58
CA PRO A 139 -24.52 -7.08 -8.91
C PRO A 139 -25.49 -7.92 -9.75
N ASN A 140 -25.71 -9.17 -9.35
CA ASN A 140 -26.63 -10.03 -10.10
C ASN A 140 -28.07 -9.58 -9.91
N ASP A 141 -28.26 -8.62 -9.02
CA ASP A 141 -29.61 -8.14 -8.78
C ASP A 141 -29.81 -6.75 -9.36
N PHE A 142 -28.86 -6.33 -10.19
CA PHE A 142 -28.94 -5.04 -10.85
C PHE A 142 -29.94 -5.14 -12.00
N VAL A 143 -30.80 -4.13 -12.11
CA VAL A 143 -31.76 -4.02 -13.20
C VAL A 143 -31.20 -2.78 -13.90
N VAL A 144 -30.51 -3.00 -15.01
CA VAL A 144 -29.83 -1.91 -15.72
C VAL A 144 -30.55 -1.32 -16.94
N SER A 145 -30.38 -0.02 -17.10
CA SER A 145 -30.94 0.69 -18.23
C SER A 145 -30.10 1.95 -18.34
N GLY A 146 -30.65 2.99 -18.96
CA GLY A 146 -29.88 4.21 -19.08
C GLY A 146 -30.08 4.93 -20.39
N TRP A 147 -29.22 5.89 -20.66
CA TRP A 147 -29.28 6.73 -21.84
C TRP A 147 -28.03 6.67 -22.69
N ASP A 148 -28.16 7.11 -23.94
CA ASP A 148 -27.03 7.17 -24.87
C ASP A 148 -27.42 7.97 -26.12
N ILE A 149 -26.53 8.84 -26.56
CA ILE A 149 -26.80 9.64 -27.75
C ILE A 149 -26.76 8.77 -29.01
N ASN A 150 -26.52 7.46 -28.84
CA ASN A 150 -26.51 6.54 -29.98
C ASN A 150 -27.53 5.45 -29.71
N ASN A 151 -28.30 5.09 -30.74
CA ASN A 151 -29.35 4.09 -30.60
C ASN A 151 -29.03 2.62 -30.80
N ALA A 152 -27.76 2.29 -31.04
CA ALA A 152 -27.42 0.90 -31.21
C ALA A 152 -27.89 0.12 -29.98
N ASP A 153 -28.48 -1.07 -30.19
CA ASP A 153 -28.92 -1.87 -29.06
C ASP A 153 -27.65 -2.39 -28.38
N LEU A 154 -27.75 -3.03 -27.22
CA LEU A 154 -26.54 -3.45 -26.54
C LEU A 154 -25.75 -4.62 -27.13
N TYR A 155 -26.33 -5.35 -28.08
CA TYR A 155 -25.59 -6.42 -28.73
C TYR A 155 -24.66 -5.75 -29.74
N GLU A 156 -25.23 -4.79 -30.49
CA GLU A 156 -24.45 -4.05 -31.49
C GLU A 156 -23.36 -3.32 -30.72
N ALA A 157 -23.72 -2.79 -29.56
CA ALA A 157 -22.78 -2.09 -28.70
C ALA A 157 -21.61 -3.03 -28.39
N MET A 158 -21.93 -4.26 -27.99
CA MET A 158 -20.89 -5.23 -27.69
C MET A 158 -20.01 -5.44 -28.89
N GLN A 159 -20.64 -5.67 -30.04
CA GLN A 159 -19.88 -5.89 -31.28
C GLN A 159 -18.91 -4.75 -31.57
N ARG A 160 -19.44 -3.54 -31.51
CA ARG A 160 -18.68 -2.33 -31.78
C ARG A 160 -17.54 -2.16 -30.78
N SER A 161 -17.79 -2.53 -29.53
CA SER A 161 -16.78 -2.40 -28.48
C SER A 161 -15.65 -3.41 -28.57
N GLN A 162 -15.93 -4.62 -29.07
CA GLN A 162 -14.91 -5.65 -29.20
C GLN A 162 -14.15 -5.87 -27.90
N VAL A 163 -14.87 -5.99 -26.79
CA VAL A 163 -14.22 -6.22 -25.52
C VAL A 163 -14.34 -7.67 -25.07
N LEU A 164 -15.55 -8.21 -25.19
CA LEU A 164 -15.84 -9.58 -24.78
C LEU A 164 -15.59 -10.63 -25.86
N GLU A 165 -15.34 -11.86 -25.40
CA GLU A 165 -15.10 -13.02 -26.25
C GLU A 165 -16.24 -13.18 -27.24
N TYR A 166 -15.90 -13.41 -28.51
CA TYR A 166 -16.91 -13.59 -29.53
C TYR A 166 -17.98 -14.59 -29.09
N ASP A 167 -17.56 -15.74 -28.55
CA ASP A 167 -18.56 -16.74 -28.15
C ASP A 167 -19.54 -16.21 -27.10
N LEU A 168 -19.02 -15.43 -26.14
CA LEU A 168 -19.85 -14.85 -25.08
C LEU A 168 -20.87 -13.88 -25.65
N GLN A 169 -20.43 -13.00 -26.53
CA GLN A 169 -21.34 -12.06 -27.15
C GLN A 169 -22.46 -12.84 -27.79
N GLN A 170 -22.10 -13.92 -28.48
CA GLN A 170 -23.09 -14.72 -29.17
C GLN A 170 -24.09 -15.37 -28.23
N ARG A 171 -23.63 -15.80 -27.06
CA ARG A 171 -24.57 -16.40 -26.13
C ARG A 171 -25.45 -15.34 -25.47
N LEU A 172 -24.96 -14.10 -25.43
CA LEU A 172 -25.69 -12.99 -24.82
C LEU A 172 -26.51 -12.21 -25.87
N LYS A 173 -26.29 -12.57 -27.13
CA LYS A 173 -26.94 -11.90 -28.24
C LYS A 173 -28.42 -11.63 -28.09
N ALA A 174 -29.22 -12.68 -27.96
CA ALA A 174 -30.67 -12.50 -27.85
C ALA A 174 -31.07 -11.51 -26.77
N LYS A 175 -30.60 -11.71 -25.54
CA LYS A 175 -30.95 -10.82 -24.44
C LYS A 175 -30.45 -9.39 -24.66
N MET A 176 -29.16 -9.25 -24.97
CA MET A 176 -28.59 -7.92 -25.17
C MET A 176 -29.19 -7.16 -26.35
N SER A 177 -29.73 -7.87 -27.33
CA SER A 177 -30.34 -7.23 -28.50
C SER A 177 -31.58 -6.44 -28.10
N LEU A 178 -32.28 -6.92 -27.08
CA LEU A 178 -33.50 -6.28 -26.59
C LEU A 178 -33.23 -5.06 -25.72
N VAL A 179 -31.98 -4.86 -25.31
CA VAL A 179 -31.65 -3.73 -24.46
C VAL A 179 -31.30 -2.51 -25.30
N LYS A 180 -32.18 -1.52 -25.26
CA LYS A 180 -31.96 -0.32 -26.05
C LYS A 180 -31.88 0.92 -25.17
N PRO A 181 -30.88 1.75 -25.42
CA PRO A 181 -30.66 3.00 -24.67
C PRO A 181 -31.76 4.04 -24.91
N LEU A 182 -32.10 4.79 -23.87
CA LEU A 182 -33.08 5.85 -23.97
C LEU A 182 -32.38 7.01 -24.65
N PRO A 183 -33.13 7.85 -25.38
CA PRO A 183 -32.50 8.99 -26.05
C PRO A 183 -31.95 9.93 -24.98
N SER A 184 -30.81 10.54 -25.26
CA SER A 184 -30.18 11.41 -24.28
C SER A 184 -30.05 12.84 -24.76
N ILE A 185 -29.29 13.63 -23.99
CA ILE A 185 -29.04 15.03 -24.25
C ILE A 185 -27.68 15.21 -24.90
N TYR A 186 -27.67 15.82 -26.08
CA TYR A 186 -26.44 16.04 -26.81
C TYR A 186 -26.17 17.54 -27.05
N TYR A 187 -25.16 18.08 -26.37
CA TYR A 187 -24.81 19.48 -26.57
C TYR A 187 -23.45 19.45 -27.22
N PRO A 188 -23.42 19.47 -28.56
CA PRO A 188 -22.24 19.43 -29.41
C PRO A 188 -20.92 19.99 -28.89
N ASP A 189 -20.93 21.18 -28.29
CA ASP A 189 -19.70 21.79 -27.83
C ASP A 189 -19.04 21.19 -26.59
N PHE A 190 -19.75 20.33 -25.86
CA PHE A 190 -19.16 19.76 -24.66
C PHE A 190 -18.27 18.53 -24.84
N ILE A 191 -18.28 17.94 -26.03
CA ILE A 191 -17.43 16.77 -26.31
C ILE A 191 -16.67 16.92 -27.62
N ALA A 192 -15.85 15.92 -27.95
CA ALA A 192 -15.06 15.93 -29.18
C ALA A 192 -15.95 16.01 -30.42
N ALA A 193 -15.52 16.80 -31.39
CA ALA A 193 -16.25 17.01 -32.64
C ALA A 193 -16.53 15.74 -33.44
N ASN A 194 -15.76 14.68 -33.19
CA ASN A 194 -15.95 13.43 -33.93
C ASN A 194 -17.16 12.59 -33.54
N GLN A 195 -17.71 12.82 -32.35
CA GLN A 195 -18.89 12.08 -31.87
C GLN A 195 -20.11 12.59 -32.63
N ASP A 196 -19.88 13.64 -33.39
CA ASP A 196 -20.87 14.31 -34.23
C ASP A 196 -21.83 13.35 -34.93
N GLU A 197 -21.28 12.50 -35.79
CA GLU A 197 -22.07 11.53 -36.56
C GLU A 197 -22.68 10.42 -35.72
N ARG A 198 -22.22 10.31 -34.47
CA ARG A 198 -22.68 9.27 -33.54
C ARG A 198 -24.01 9.55 -32.83
N ALA A 199 -24.37 10.82 -32.72
CA ALA A 199 -25.59 11.23 -32.02
C ALA A 199 -26.88 11.16 -32.82
N ASN A 200 -27.62 10.06 -32.67
CA ASN A 200 -28.86 9.88 -33.38
C ASN A 200 -29.95 9.40 -32.44
N ASN A 201 -29.77 9.66 -31.16
CA ASN A 201 -30.74 9.24 -30.14
C ASN A 201 -30.82 10.35 -29.10
N CYS A 202 -31.18 11.55 -29.56
CA CYS A 202 -31.28 12.72 -28.70
C CYS A 202 -32.72 13.10 -28.37
N ILE A 203 -32.92 13.77 -27.25
CA ILE A 203 -34.24 14.22 -26.83
C ILE A 203 -34.37 15.70 -27.12
N ASN A 204 -33.24 16.40 -27.19
CA ASN A 204 -33.26 17.83 -27.45
C ASN A 204 -33.29 18.11 -28.95
N LEU A 205 -34.50 18.13 -29.49
CA LEU A 205 -34.71 18.38 -30.92
C LEU A 205 -35.62 19.58 -31.11
N ASP A 206 -35.35 20.37 -32.15
CA ASP A 206 -36.21 21.53 -32.39
C ASP A 206 -37.27 21.17 -33.41
N GLU A 207 -38.23 22.09 -33.59
CA GLU A 207 -39.34 21.93 -34.53
C GLU A 207 -39.03 20.97 -35.70
N LYS A 208 -37.90 21.20 -36.38
CA LYS A 208 -37.51 20.35 -37.50
C LYS A 208 -36.55 19.23 -37.12
N GLY A 209 -36.78 18.65 -35.94
CA GLY A 209 -35.97 17.55 -35.43
C GLY A 209 -34.46 17.66 -35.40
N ASN A 210 -33.93 18.87 -35.21
CA ASN A 210 -32.48 19.06 -35.17
C ASN A 210 -31.96 19.20 -33.75
N VAL A 211 -30.67 18.92 -33.58
CA VAL A 211 -30.03 19.04 -32.29
C VAL A 211 -30.20 20.48 -31.83
N THR A 212 -30.49 20.68 -30.54
CA THR A 212 -30.68 22.02 -30.02
C THR A 212 -30.33 22.14 -28.54
N THR A 213 -29.56 23.16 -28.18
CA THR A 213 -29.18 23.38 -26.79
C THR A 213 -30.15 24.34 -26.13
N ARG A 214 -31.38 24.36 -26.63
CA ARG A 214 -32.42 25.23 -26.11
C ARG A 214 -33.47 24.39 -25.38
N GLY A 215 -34.03 24.95 -24.31
CA GLY A 215 -35.05 24.22 -23.56
C GLY A 215 -34.44 23.24 -22.60
N LYS A 216 -33.29 23.62 -22.04
CA LYS A 216 -32.57 22.77 -21.10
C LYS A 216 -33.39 22.40 -19.86
N TRP A 217 -34.38 23.21 -19.50
CA TRP A 217 -35.19 22.89 -18.34
C TRP A 217 -36.19 21.80 -18.70
N THR A 218 -36.56 21.74 -19.97
CA THR A 218 -37.48 20.73 -20.45
C THR A 218 -36.72 19.41 -20.41
N HIS A 219 -35.45 19.48 -20.82
CA HIS A 219 -34.55 18.33 -20.83
C HIS A 219 -34.41 17.74 -19.42
N LEU A 220 -34.23 18.63 -18.44
CA LEU A 220 -34.09 18.25 -17.04
C LEU A 220 -35.35 17.49 -16.60
N GLN A 221 -36.52 18.01 -17.00
CA GLN A 221 -37.80 17.40 -16.65
C GLN A 221 -38.01 16.05 -17.34
N ARG A 222 -37.43 15.89 -18.53
CA ARG A 222 -37.54 14.65 -19.28
C ARG A 222 -36.70 13.58 -18.58
N ILE A 223 -35.46 13.91 -18.27
CA ILE A 223 -34.55 13.00 -17.58
C ILE A 223 -35.20 12.55 -16.28
N ARG A 224 -35.78 13.49 -15.54
CA ARG A 224 -36.42 13.16 -14.27
C ARG A 224 -37.57 12.19 -14.46
N ARG A 225 -38.34 12.37 -15.51
CA ARG A 225 -39.48 11.50 -15.80
C ARG A 225 -38.94 10.12 -16.21
N ASP A 226 -37.82 10.12 -16.91
CA ASP A 226 -37.17 8.90 -17.35
C ASP A 226 -36.88 8.08 -16.10
N ILE A 227 -36.25 8.72 -15.12
CA ILE A 227 -35.93 8.04 -13.88
C ILE A 227 -37.22 7.48 -13.25
N GLN A 228 -38.26 8.31 -13.15
CA GLN A 228 -39.54 7.87 -12.59
C GLN A 228 -40.12 6.69 -13.39
N ASN A 229 -40.15 6.84 -14.72
CA ASN A 229 -40.67 5.78 -15.60
C ASN A 229 -39.90 4.46 -15.41
N PHE A 230 -38.57 4.55 -15.44
CA PHE A 230 -37.73 3.37 -15.28
C PHE A 230 -38.09 2.63 -14.00
N LYS A 231 -38.12 3.41 -12.91
CA LYS A 231 -38.42 2.89 -11.59
C LYS A 231 -39.72 2.11 -11.53
N GLU A 232 -40.82 2.71 -11.99
CA GLU A 232 -42.09 2.02 -11.93
C GLU A 232 -42.25 0.85 -12.90
N GLU A 233 -41.62 0.94 -14.08
CA GLU A 233 -41.72 -0.13 -15.07
C GLU A 233 -41.05 -1.38 -14.59
N ASN A 234 -40.20 -1.24 -13.56
CA ASN A 234 -39.48 -2.35 -12.98
C ASN A 234 -39.85 -2.65 -11.54
N ALA A 235 -40.82 -1.91 -11.02
CA ALA A 235 -41.27 -2.13 -9.66
C ALA A 235 -40.07 -2.02 -8.71
N LEU A 236 -39.22 -1.04 -8.96
CA LEU A 236 -38.04 -0.77 -8.16
C LEU A 236 -38.29 0.36 -7.18
N ASP A 237 -37.59 0.31 -6.04
CA ASP A 237 -37.70 1.33 -5.01
C ASP A 237 -36.45 2.19 -5.07
N LYS A 238 -35.31 1.53 -5.25
CA LYS A 238 -34.03 2.21 -5.32
C LYS A 238 -33.49 2.27 -6.74
N VAL A 239 -32.74 3.34 -7.00
CA VAL A 239 -32.10 3.55 -8.28
C VAL A 239 -30.89 4.43 -8.05
N ILE A 240 -29.81 4.13 -8.77
CA ILE A 240 -28.60 4.92 -8.68
C ILE A 240 -28.28 5.27 -10.13
N VAL A 241 -27.80 6.48 -10.36
CA VAL A 241 -27.46 6.89 -11.71
C VAL A 241 -25.95 7.09 -11.76
N LEU A 242 -25.33 6.60 -12.83
CA LEU A 242 -23.89 6.71 -12.96
C LEU A 242 -23.50 7.15 -14.36
N TRP A 243 -22.73 8.22 -14.45
CA TRP A 243 -22.28 8.74 -15.72
C TRP A 243 -21.06 7.99 -16.22
N THR A 244 -21.19 7.31 -17.34
CA THR A 244 -20.09 6.58 -17.95
C THR A 244 -20.15 6.84 -19.47
N ALA A 245 -20.23 8.14 -19.80
CA ALA A 245 -20.32 8.60 -21.18
C ALA A 245 -19.08 9.37 -21.52
N ASN A 246 -19.02 9.90 -22.73
CA ASN A 246 -17.85 10.65 -23.17
C ASN A 246 -17.41 11.68 -22.14
N THR A 247 -16.14 12.04 -22.17
CA THR A 247 -15.60 13.04 -21.26
C THR A 247 -15.91 14.41 -21.85
N GLU A 248 -16.60 15.24 -21.07
CA GLU A 248 -16.95 16.58 -21.51
C GLU A 248 -15.81 17.52 -21.20
N ARG A 249 -15.92 18.75 -21.69
CA ARG A 249 -14.91 19.75 -21.42
C ARG A 249 -15.32 20.40 -20.11
N TYR A 250 -14.35 20.86 -19.33
CA TYR A 250 -14.63 21.52 -18.07
C TYR A 250 -15.52 22.71 -18.35
N VAL A 251 -16.47 22.97 -17.46
CA VAL A 251 -17.33 24.13 -17.62
C VAL A 251 -16.82 25.18 -16.64
N GLU A 252 -16.73 26.43 -17.09
CA GLU A 252 -16.24 27.51 -16.26
C GLU A 252 -17.24 27.83 -15.16
N VAL A 253 -16.74 27.98 -13.93
CA VAL A 253 -17.58 28.33 -12.79
C VAL A 253 -17.57 29.86 -12.71
N SER A 254 -18.75 30.47 -12.72
CA SER A 254 -18.83 31.93 -12.67
C SER A 254 -19.93 32.44 -11.76
N PRO A 255 -19.61 33.46 -10.95
CA PRO A 255 -20.56 34.06 -10.00
C PRO A 255 -21.88 34.46 -10.65
N GLY A 256 -22.98 34.01 -10.06
CA GLY A 256 -24.30 34.34 -10.58
C GLY A 256 -24.73 33.36 -11.66
N VAL A 257 -23.83 32.44 -12.00
CA VAL A 257 -24.10 31.44 -13.02
C VAL A 257 -24.39 30.08 -12.40
N ASN A 258 -23.34 29.43 -11.90
CA ASN A 258 -23.45 28.12 -11.29
C ASN A 258 -22.71 28.07 -9.96
N ASP A 259 -22.69 29.19 -9.25
CA ASP A 259 -22.00 29.27 -7.96
C ASP A 259 -22.90 28.91 -6.79
N THR A 260 -24.21 28.92 -7.04
CA THR A 260 -25.15 28.58 -5.98
C THR A 260 -26.32 27.78 -6.52
N MET A 261 -27.01 27.09 -5.61
CA MET A 261 -28.15 26.30 -5.96
C MET A 261 -29.10 27.10 -6.87
N GLU A 262 -29.64 28.19 -6.32
CA GLU A 262 -30.56 29.06 -7.04
C GLU A 262 -30.02 29.53 -8.39
N ASN A 263 -28.78 30.01 -8.41
CA ASN A 263 -28.20 30.48 -9.67
C ASN A 263 -28.13 29.38 -10.71
N LEU A 264 -27.62 28.22 -10.31
CA LEU A 264 -27.50 27.08 -11.22
C LEU A 264 -28.83 26.72 -11.85
N LEU A 265 -29.86 26.52 -11.01
CA LEU A 265 -31.19 26.16 -11.50
C LEU A 265 -31.74 27.16 -12.51
N GLN A 266 -31.56 28.45 -12.23
CA GLN A 266 -32.04 29.45 -13.16
C GLN A 266 -31.25 29.38 -14.46
N SER A 267 -29.93 29.24 -14.35
CA SER A 267 -29.07 29.14 -15.54
C SER A 267 -29.60 28.02 -16.43
N ILE A 268 -29.93 26.89 -15.83
CA ILE A 268 -30.46 25.76 -16.55
C ILE A 268 -31.68 26.24 -17.32
N LYS A 269 -32.52 27.02 -16.64
CA LYS A 269 -33.71 27.54 -17.28
C LYS A 269 -33.34 28.52 -18.39
N ASN A 270 -32.33 29.34 -18.13
CA ASN A 270 -31.87 30.33 -19.11
C ASN A 270 -31.02 29.71 -20.22
N ASP A 271 -30.92 28.39 -20.25
CA ASP A 271 -30.11 27.73 -21.27
C ASP A 271 -28.67 28.27 -21.28
N HIS A 272 -28.10 28.49 -20.09
CA HIS A 272 -26.75 29.02 -20.03
C HIS A 272 -25.77 28.06 -20.71
N GLU A 273 -24.79 28.62 -21.40
CA GLU A 273 -23.79 27.84 -22.11
C GLU A 273 -22.76 27.15 -21.25
N GLU A 274 -22.93 27.22 -19.92
CA GLU A 274 -21.99 26.57 -19.03
C GLU A 274 -22.66 25.41 -18.32
N ILE A 275 -23.87 25.11 -18.79
CA ILE A 275 -24.66 24.01 -18.28
C ILE A 275 -24.49 22.84 -19.24
N ALA A 276 -23.71 21.85 -18.83
CA ALA A 276 -23.44 20.69 -19.68
C ALA A 276 -24.45 19.57 -19.47
N PRO A 277 -24.51 18.63 -20.44
CA PRO A 277 -25.46 17.52 -20.29
C PRO A 277 -25.32 16.85 -18.93
N SER A 278 -24.06 16.64 -18.50
CA SER A 278 -23.82 15.99 -17.21
C SER A 278 -24.43 16.80 -16.07
N THR A 279 -24.40 18.13 -16.21
CA THR A 279 -24.97 19.05 -15.22
C THR A 279 -26.46 18.73 -15.07
N ILE A 280 -27.13 18.54 -16.20
CA ILE A 280 -28.55 18.25 -16.19
C ILE A 280 -28.86 16.89 -15.62
N PHE A 281 -28.08 15.88 -15.97
CA PHE A 281 -28.35 14.57 -15.41
C PHE A 281 -28.10 14.62 -13.90
N ALA A 282 -27.03 15.31 -13.52
CA ALA A 282 -26.70 15.45 -12.10
C ALA A 282 -27.86 16.14 -11.40
N ALA A 283 -28.26 17.29 -11.93
CA ALA A 283 -29.37 18.02 -11.32
C ALA A 283 -30.65 17.20 -11.27
N ALA A 284 -30.93 16.47 -12.34
CA ALA A 284 -32.14 15.67 -12.39
C ALA A 284 -32.16 14.55 -11.35
N SER A 285 -31.04 13.85 -11.21
CA SER A 285 -30.94 12.76 -10.24
C SER A 285 -31.08 13.30 -8.83
N ILE A 286 -30.42 14.41 -8.56
CA ILE A 286 -30.47 15.06 -7.24
C ILE A 286 -31.90 15.47 -6.88
N LEU A 287 -32.62 16.05 -7.84
CA LEU A 287 -33.98 16.49 -7.58
C LEU A 287 -34.89 15.29 -7.39
N GLU A 288 -34.49 14.15 -7.92
CA GLU A 288 -35.29 12.93 -7.77
C GLU A 288 -34.86 12.14 -6.54
N GLY A 289 -33.83 12.62 -5.86
CA GLY A 289 -33.34 11.92 -4.68
C GLY A 289 -32.66 10.62 -5.04
N VAL A 290 -32.02 10.62 -6.20
CA VAL A 290 -31.33 9.44 -6.70
C VAL A 290 -29.83 9.71 -6.64
N PRO A 291 -29.07 8.80 -6.02
CA PRO A 291 -27.62 8.99 -5.93
C PRO A 291 -27.02 9.11 -7.34
N TYR A 292 -26.15 10.11 -7.53
CA TYR A 292 -25.52 10.32 -8.83
C TYR A 292 -24.00 10.21 -8.73
N ILE A 293 -23.41 9.33 -9.54
CA ILE A 293 -21.97 9.09 -9.56
C ILE A 293 -21.34 9.51 -10.88
N ASN A 294 -20.38 10.42 -10.81
CA ASN A 294 -19.69 10.90 -12.01
C ASN A 294 -18.47 10.04 -12.30
N GLY A 295 -18.52 9.23 -13.35
CA GLY A 295 -17.39 8.37 -13.68
C GLY A 295 -16.40 8.96 -14.66
N SER A 296 -16.56 10.25 -14.96
CA SER A 296 -15.65 10.91 -15.90
C SER A 296 -14.93 12.05 -15.21
N PRO A 297 -13.85 12.56 -15.84
CA PRO A 297 -13.04 13.64 -15.29
C PRO A 297 -13.59 15.07 -15.32
N GLN A 298 -14.64 15.32 -16.09
CA GLN A 298 -15.18 16.68 -16.14
C GLN A 298 -15.77 17.15 -14.81
N ASN A 299 -15.62 18.43 -14.50
CA ASN A 299 -16.11 19.00 -13.25
C ASN A 299 -17.62 19.23 -13.23
N THR A 300 -18.37 18.14 -13.25
CA THR A 300 -19.82 18.19 -13.24
C THR A 300 -20.38 18.80 -11.96
N PHE A 301 -19.72 18.58 -10.84
CA PHE A 301 -20.22 19.09 -9.57
C PHE A 301 -19.75 20.48 -9.18
N VAL A 302 -20.25 21.47 -9.90
CA VAL A 302 -19.91 22.85 -9.61
C VAL A 302 -20.57 23.20 -8.26
N PRO A 303 -20.14 24.31 -7.62
CA PRO A 303 -20.68 24.74 -6.33
C PRO A 303 -22.20 24.68 -6.17
N GLY A 304 -22.92 25.34 -7.09
CA GLY A 304 -24.36 25.36 -7.03
C GLY A 304 -24.99 23.99 -7.04
N LEU A 305 -24.36 23.07 -7.77
CA LEU A 305 -24.90 21.72 -7.85
C LEU A 305 -24.66 21.03 -6.53
N VAL A 306 -23.43 21.13 -6.01
CA VAL A 306 -23.13 20.50 -4.72
C VAL A 306 -24.10 21.02 -3.67
N GLN A 307 -24.37 22.32 -3.76
CA GLN A 307 -25.28 23.00 -2.85
C GLN A 307 -26.67 22.38 -2.99
N LEU A 308 -27.11 22.12 -4.21
CA LEU A 308 -28.42 21.52 -4.42
C LEU A 308 -28.41 20.12 -3.80
N ALA A 309 -27.31 19.39 -3.95
CA ALA A 309 -27.20 18.05 -3.38
C ALA A 309 -27.35 18.16 -1.88
N GLU A 310 -26.61 19.10 -1.31
CA GLU A 310 -26.67 19.31 0.13
C GLU A 310 -28.09 19.69 0.55
N HIS A 311 -28.70 20.61 -0.19
CA HIS A 311 -30.05 21.03 0.12
C HIS A 311 -31.04 19.89 0.02
N GLU A 312 -30.95 19.12 -1.07
CA GLU A 312 -31.85 17.99 -1.26
C GLU A 312 -31.44 16.82 -0.39
N GLY A 313 -30.18 16.81 0.03
CA GLY A 313 -29.68 15.73 0.87
C GLY A 313 -29.63 14.46 0.04
N THR A 314 -29.00 14.55 -1.14
CA THR A 314 -28.89 13.41 -2.04
C THR A 314 -27.42 13.13 -2.32
N PHE A 315 -27.09 11.84 -2.35
CA PHE A 315 -25.72 11.40 -2.58
C PHE A 315 -25.20 11.69 -3.97
N ILE A 316 -24.01 12.29 -4.01
CA ILE A 316 -23.33 12.57 -5.26
C ILE A 316 -21.93 12.05 -4.98
N ALA A 317 -21.17 11.79 -6.03
CA ALA A 317 -19.82 11.28 -5.84
C ALA A 317 -19.12 11.24 -7.17
N GLY A 318 -17.80 11.04 -7.13
CA GLY A 318 -17.11 10.91 -8.38
C GLY A 318 -15.97 11.79 -8.84
N ASP A 319 -15.83 11.71 -10.17
CA ASP A 319 -14.85 12.36 -11.02
C ASP A 319 -13.72 11.44 -11.45
N ASP A 320 -14.01 10.73 -12.55
CA ASP A 320 -13.09 9.80 -13.20
C ASP A 320 -12.91 8.45 -12.52
N LEU A 321 -13.09 7.38 -13.28
CA LEU A 321 -12.90 6.05 -12.73
C LEU A 321 -11.40 5.87 -12.50
N LYS A 322 -11.02 5.39 -11.32
CA LYS A 322 -9.60 5.17 -11.02
C LYS A 322 -9.08 4.07 -11.94
N SER A 323 -8.43 4.46 -13.03
CA SER A 323 -7.91 3.49 -13.98
C SER A 323 -6.85 2.62 -13.33
N GLY A 324 -6.72 1.38 -13.80
CA GLY A 324 -5.73 0.47 -13.24
C GLY A 324 -4.31 1.03 -13.31
N GLN A 325 -4.10 2.07 -14.13
CA GLN A 325 -2.78 2.71 -14.28
C GLN A 325 -2.52 3.77 -13.22
N THR A 326 -3.54 4.56 -12.91
CA THR A 326 -3.44 5.63 -11.93
C THR A 326 -3.61 5.05 -10.53
N LYS A 327 -4.18 3.85 -10.48
CA LYS A 327 -4.39 3.16 -9.22
C LYS A 327 -3.00 2.67 -8.82
N LEU A 328 -2.43 1.83 -9.68
CA LEU A 328 -1.11 1.27 -9.47
C LEU A 328 -0.06 2.37 -9.26
N LYS A 329 -0.25 3.52 -9.90
CA LYS A 329 0.70 4.60 -9.75
C LYS A 329 0.66 5.18 -8.34
N SER A 330 -0.54 5.33 -7.79
CA SER A 330 -0.66 5.88 -6.45
C SER A 330 -0.03 4.92 -5.46
N VAL A 331 -0.24 3.62 -5.69
CA VAL A 331 0.31 2.59 -4.82
C VAL A 331 1.85 2.64 -4.83
N LEU A 332 2.43 2.82 -6.01
CA LEU A 332 3.88 2.85 -6.13
C LEU A 332 4.55 4.15 -5.72
N ALA A 333 3.91 5.30 -5.95
CA ALA A 333 4.51 6.57 -5.55
C ALA A 333 4.46 6.68 -4.03
N GLN A 334 3.35 6.23 -3.45
CA GLN A 334 3.17 6.23 -2.01
C GLN A 334 4.30 5.40 -1.42
N PHE A 335 4.40 4.18 -1.90
CA PHE A 335 5.42 3.26 -1.45
C PHE A 335 6.81 3.89 -1.44
N LEU A 336 7.19 4.54 -2.52
CA LEU A 336 8.51 5.14 -2.59
C LEU A 336 8.71 6.23 -1.54
N VAL A 337 7.74 7.13 -1.41
CA VAL A 337 7.86 8.20 -0.43
C VAL A 337 7.84 7.68 1.01
N ASP A 338 7.06 6.63 1.27
CA ASP A 338 6.96 6.03 2.60
C ASP A 338 8.28 5.38 2.98
N ALA A 339 9.10 5.12 1.98
CA ALA A 339 10.38 4.49 2.18
C ALA A 339 11.49 5.55 2.21
N GLY A 340 11.11 6.82 2.11
CA GLY A 340 12.10 7.88 2.13
C GLY A 340 12.81 8.13 0.83
N ILE A 341 12.25 7.62 -0.27
CA ILE A 341 12.84 7.82 -1.59
C ILE A 341 12.14 9.00 -2.25
N LYS A 342 12.89 9.79 -3.02
CA LYS A 342 12.34 10.98 -3.63
C LYS A 342 12.09 10.98 -5.13
N PRO A 343 10.84 10.69 -5.57
CA PRO A 343 10.56 10.69 -7.01
C PRO A 343 10.79 12.12 -7.50
N VAL A 344 11.57 12.30 -8.56
CA VAL A 344 11.83 13.63 -9.08
C VAL A 344 11.25 13.77 -10.48
N SER A 345 10.72 12.67 -11.01
CA SER A 345 10.14 12.67 -12.35
C SER A 345 9.28 11.44 -12.57
N ILE A 346 8.07 11.65 -13.10
CA ILE A 346 7.15 10.56 -13.37
C ILE A 346 6.50 10.77 -14.75
N ALA A 347 6.99 10.03 -15.75
CA ALA A 347 6.46 10.11 -17.12
C ALA A 347 5.42 9.02 -17.31
N SER A 348 4.22 9.41 -17.71
CA SER A 348 3.14 8.45 -17.93
C SER A 348 2.55 8.55 -19.32
N TYR A 349 2.83 7.54 -20.14
CA TYR A 349 2.32 7.49 -21.51
C TYR A 349 1.29 6.39 -21.63
N ASN A 350 0.47 6.44 -22.68
CA ASN A 350 -0.53 5.40 -22.88
C ASN A 350 -1.37 5.64 -24.14
N HIS A 351 -1.76 4.54 -24.78
CA HIS A 351 -2.57 4.62 -25.98
C HIS A 351 -3.61 3.51 -26.05
N LEU A 352 -4.79 3.87 -26.55
CA LEU A 352 -5.89 2.95 -26.68
C LEU A 352 -6.57 3.23 -28.03
N GLY A 353 -7.35 2.28 -28.51
CA GLY A 353 -8.01 2.47 -29.79
C GLY A 353 -9.53 2.44 -29.73
N ASN A 354 -10.11 2.63 -28.55
CA ASN A 354 -11.56 2.62 -28.41
C ASN A 354 -12.15 4.03 -28.56
N ASN A 355 -13.44 4.18 -28.35
CA ASN A 355 -14.09 5.48 -28.49
C ASN A 355 -13.65 6.44 -27.37
N ASP A 356 -13.23 5.86 -26.25
CA ASP A 356 -12.76 6.63 -25.11
C ASP A 356 -11.52 7.44 -25.53
N GLY A 357 -10.53 6.75 -26.08
CA GLY A 357 -9.31 7.41 -26.52
C GLY A 357 -9.50 8.21 -27.80
N TYR A 358 -10.62 7.98 -28.47
CA TYR A 358 -10.93 8.69 -29.70
C TYR A 358 -11.53 10.05 -29.38
N ASN A 359 -12.31 10.10 -28.31
CA ASN A 359 -12.93 11.34 -27.86
C ASN A 359 -11.89 12.16 -27.09
N LEU A 360 -10.95 11.46 -26.45
CA LEU A 360 -9.88 12.10 -25.69
C LEU A 360 -8.83 12.63 -26.63
N SER A 361 -8.87 12.19 -27.89
CA SER A 361 -7.90 12.62 -28.89
C SER A 361 -7.98 14.14 -29.09
N ALA A 362 -9.07 14.74 -28.61
CA ALA A 362 -9.25 16.18 -28.71
C ALA A 362 -8.67 16.80 -27.44
N PRO A 363 -7.91 17.90 -27.57
CA PRO A 363 -7.28 18.61 -26.46
C PRO A 363 -8.14 19.07 -25.27
N LYS A 364 -9.41 19.39 -25.52
CA LYS A 364 -10.30 19.84 -24.45
C LYS A 364 -10.83 18.68 -23.61
N GLN A 365 -10.93 17.50 -24.22
CA GLN A 365 -11.40 16.30 -23.54
C GLN A 365 -10.24 15.73 -22.72
N PHE A 366 -9.08 15.66 -23.36
CA PHE A 366 -7.87 15.15 -22.71
C PHE A 366 -7.49 16.02 -21.52
N ARG A 367 -7.84 17.30 -21.60
CA ARG A 367 -7.54 18.26 -20.55
C ARG A 367 -8.15 17.86 -19.19
N SER A 368 -9.43 17.48 -19.19
CA SER A 368 -10.11 17.07 -17.96
C SER A 368 -9.36 15.88 -17.37
N LYS A 369 -9.05 14.94 -18.25
CA LYS A 369 -8.34 13.71 -17.90
C LYS A 369 -6.97 14.01 -17.29
N GLU A 370 -6.20 14.84 -17.99
CA GLU A 370 -4.86 15.21 -17.53
C GLU A 370 -4.85 15.93 -16.17
N ILE A 371 -6.01 16.43 -15.74
CA ILE A 371 -6.11 17.11 -14.44
C ILE A 371 -6.29 16.09 -13.31
N SER A 372 -7.11 15.08 -13.57
CA SER A 372 -7.39 14.04 -12.58
C SER A 372 -6.30 12.95 -12.50
N LYS A 373 -5.70 12.61 -13.64
CA LYS A 373 -4.64 11.60 -13.69
C LYS A 373 -3.32 12.11 -13.12
N SER A 374 -3.25 13.41 -12.85
CA SER A 374 -2.04 14.01 -12.32
C SER A 374 -2.11 14.28 -10.82
N SER A 375 -3.07 15.12 -10.42
CA SER A 375 -3.28 15.51 -9.01
C SER A 375 -3.08 14.39 -8.00
N VAL A 376 -3.26 13.16 -8.47
CA VAL A 376 -3.15 11.97 -7.64
C VAL A 376 -1.84 11.85 -6.83
N ILE A 377 -0.87 12.74 -7.10
CA ILE A 377 0.42 12.70 -6.38
C ILE A 377 0.76 13.99 -5.62
N ASP A 378 -0.13 14.97 -5.68
CA ASP A 378 0.12 16.24 -4.99
C ASP A 378 0.17 16.08 -3.48
N ASP A 379 -0.68 15.20 -2.95
CA ASP A 379 -0.73 14.98 -1.51
C ASP A 379 0.49 14.18 -1.02
N ILE A 380 1.00 13.31 -1.87
CA ILE A 380 2.16 12.49 -1.54
C ILE A 380 3.35 13.42 -1.29
N ILE A 381 3.54 14.39 -2.17
CA ILE A 381 4.63 15.35 -2.03
C ILE A 381 4.46 16.19 -0.77
N ALA A 382 3.24 16.62 -0.52
CA ALA A 382 2.91 17.46 0.63
C ALA A 382 3.13 16.81 2.00
N SER A 383 3.04 15.49 2.05
CA SER A 383 3.23 14.79 3.32
C SER A 383 4.67 14.68 3.76
N ASN A 384 5.62 14.89 2.85
CA ASN A 384 7.04 14.77 3.20
C ASN A 384 7.88 15.99 2.87
N ASP A 385 8.10 16.87 3.85
CA ASP A 385 8.90 18.06 3.58
C ASP A 385 10.37 17.81 3.89
N ILE A 386 10.70 16.57 4.22
CA ILE A 386 12.08 16.19 4.48
C ILE A 386 12.71 16.07 3.09
N LEU A 387 11.95 15.46 2.19
CA LEU A 387 12.36 15.25 0.80
C LEU A 387 12.04 16.48 -0.05
N TYR A 388 10.78 16.89 0.00
CA TYR A 388 10.33 18.06 -0.76
C TYR A 388 10.26 19.32 0.10
N ASN A 389 11.20 20.24 -0.13
CA ASN A 389 11.27 21.50 0.58
C ASN A 389 11.97 22.53 -0.30
N ASP A 390 12.14 23.75 0.22
CA ASP A 390 12.79 24.83 -0.51
C ASP A 390 14.27 24.60 -0.81
N LYS A 391 14.95 23.85 0.07
CA LYS A 391 16.37 23.58 -0.15
C LYS A 391 16.62 22.57 -1.26
N LEU A 392 16.06 21.37 -1.08
CA LEU A 392 16.21 20.30 -2.04
C LEU A 392 15.28 20.40 -3.24
N GLY A 393 14.22 21.21 -3.10
CA GLY A 393 13.25 21.37 -4.15
C GLY A 393 12.04 20.54 -3.80
N LYS A 394 10.85 21.05 -4.07
CA LYS A 394 9.64 20.30 -3.75
C LYS A 394 8.79 20.01 -4.98
N LYS A 395 9.44 20.07 -6.14
CA LYS A 395 8.75 19.80 -7.40
C LYS A 395 9.02 18.37 -7.87
N VAL A 396 8.13 17.87 -8.72
CA VAL A 396 8.24 16.54 -9.30
C VAL A 396 7.70 16.60 -10.72
N ASP A 397 8.60 16.64 -11.71
CA ASP A 397 8.15 16.66 -13.10
C ASP A 397 7.20 15.50 -13.33
N HIS A 398 6.02 15.79 -13.86
CA HIS A 398 5.03 14.76 -14.12
C HIS A 398 4.24 15.12 -15.38
N CYS A 399 4.43 14.33 -16.45
CA CYS A 399 3.70 14.58 -17.69
C CYS A 399 2.84 13.36 -17.97
N ILE A 400 1.66 13.61 -18.54
CA ILE A 400 0.71 12.55 -18.89
C ILE A 400 0.33 12.65 -20.36
N VAL A 401 0.46 11.53 -21.07
CA VAL A 401 0.19 11.44 -22.50
C VAL A 401 -0.79 10.32 -22.85
N ILE A 402 -1.86 10.68 -23.56
CA ILE A 402 -2.88 9.72 -24.00
C ILE A 402 -3.01 9.82 -25.54
N LYS A 403 -2.47 8.83 -26.25
CA LYS A 403 -2.54 8.82 -27.71
C LYS A 403 -3.54 7.78 -28.24
N TYR A 404 -4.28 8.14 -29.29
CA TYR A 404 -5.26 7.25 -29.88
C TYR A 404 -4.65 6.42 -31.01
N MET A 405 -4.67 5.10 -30.85
CA MET A 405 -4.15 4.16 -31.84
C MET A 405 -5.24 3.11 -32.04
N LYS A 406 -6.10 3.34 -33.04
CA LYS A 406 -7.20 2.43 -33.30
C LYS A 406 -6.87 0.93 -33.28
N PRO A 407 -5.76 0.51 -33.93
CA PRO A 407 -5.36 -0.90 -33.99
C PRO A 407 -5.23 -1.66 -32.67
N VAL A 408 -5.36 -1.00 -31.53
CA VAL A 408 -5.24 -1.71 -30.26
C VAL A 408 -6.58 -1.97 -29.57
N GLY A 409 -7.67 -1.56 -30.21
CA GLY A 409 -8.99 -1.78 -29.64
C GLY A 409 -9.14 -1.30 -28.22
N ASP A 410 -10.00 -1.97 -27.45
CA ASP A 410 -10.24 -1.58 -26.05
C ASP A 410 -8.98 -1.75 -25.22
N SER A 411 -8.07 -2.60 -25.70
CA SER A 411 -6.81 -2.86 -25.02
C SER A 411 -5.95 -1.62 -24.90
N LYS A 412 -5.73 -1.17 -23.68
CA LYS A 412 -4.92 0.00 -23.42
C LYS A 412 -3.50 -0.43 -23.06
N VAL A 413 -2.53 0.35 -23.50
CA VAL A 413 -1.13 0.08 -23.22
C VAL A 413 -0.59 1.25 -22.44
N ALA A 414 -0.41 1.06 -21.13
CA ALA A 414 0.10 2.08 -20.23
C ALA A 414 1.57 1.87 -19.90
N MET A 415 2.35 2.95 -19.93
CA MET A 415 3.78 2.89 -19.62
C MET A 415 4.12 4.06 -18.70
N ASP A 416 4.72 3.77 -17.55
CA ASP A 416 5.10 4.80 -16.58
C ASP A 416 6.55 4.66 -16.15
N GLU A 417 7.29 5.77 -16.23
CA GLU A 417 8.69 5.80 -15.85
C GLU A 417 8.89 6.63 -14.59
N TYR A 418 9.36 6.01 -13.51
CA TYR A 418 9.62 6.75 -12.27
C TYR A 418 11.12 6.90 -12.08
N TYR A 419 11.60 8.13 -12.04
CA TYR A 419 13.01 8.38 -11.83
C TYR A 419 13.08 9.06 -10.46
N SER A 420 13.75 8.41 -9.51
CA SER A 420 13.86 8.93 -8.16
C SER A 420 15.31 9.06 -7.71
N GLU A 421 15.51 9.89 -6.69
CA GLU A 421 16.85 10.08 -6.13
C GLU A 421 17.02 9.18 -4.91
N LEU A 422 18.22 8.63 -4.79
CA LEU A 422 18.60 7.77 -3.68
C LEU A 422 19.70 8.54 -2.96
N MET A 423 20.19 8.01 -1.86
CA MET A 423 21.24 8.72 -1.12
C MET A 423 22.51 8.91 -1.92
N LEU A 424 23.32 9.88 -1.50
CA LEU A 424 24.62 10.16 -2.09
C LEU A 424 24.74 10.20 -3.61
N GLY A 425 23.77 10.84 -4.26
CA GLY A 425 23.83 10.98 -5.70
C GLY A 425 23.32 9.84 -6.56
N GLY A 426 22.83 8.77 -5.94
CA GLY A 426 22.33 7.66 -6.73
C GLY A 426 20.92 7.92 -7.24
N HIS A 427 20.45 7.08 -8.15
CA HIS A 427 19.10 7.21 -8.72
C HIS A 427 18.47 5.86 -8.90
N ASN A 428 17.15 5.85 -8.97
CA ASN A 428 16.38 4.64 -9.18
C ASN A 428 15.48 4.84 -10.41
N ARG A 429 15.41 3.86 -11.29
CA ARG A 429 14.55 4.00 -12.45
C ARG A 429 13.59 2.83 -12.51
N ILE A 430 12.32 3.08 -12.26
CA ILE A 430 11.33 2.01 -12.30
C ILE A 430 10.39 2.25 -13.48
N SER A 431 10.18 1.22 -14.28
CA SER A 431 9.31 1.29 -15.45
C SER A 431 8.16 0.31 -15.28
N ILE A 432 6.93 0.81 -15.33
CA ILE A 432 5.76 -0.04 -15.20
C ILE A 432 5.02 -0.11 -16.54
N HIS A 433 4.97 -1.29 -17.14
CA HIS A 433 4.29 -1.50 -18.42
C HIS A 433 3.02 -2.28 -18.16
N ASN A 434 1.89 -1.74 -18.59
CA ASN A 434 0.60 -2.36 -18.33
C ASN A 434 -0.24 -2.57 -19.60
N VAL A 435 -0.74 -3.78 -19.79
CA VAL A 435 -1.58 -4.07 -20.94
C VAL A 435 -2.82 -4.82 -20.48
N CYS A 436 -3.99 -4.33 -20.84
CA CYS A 436 -5.23 -5.02 -20.49
C CYS A 436 -6.43 -4.39 -21.18
N GLU A 437 -7.54 -5.12 -21.21
CA GLU A 437 -8.77 -4.59 -21.81
C GLU A 437 -9.23 -3.61 -20.74
N ASP A 438 -8.98 -2.34 -21.00
CA ASP A 438 -9.31 -1.24 -20.13
C ASP A 438 -10.72 -1.35 -19.54
N SER A 439 -11.66 -1.81 -20.36
CA SER A 439 -13.04 -1.93 -19.96
C SER A 439 -13.36 -3.10 -19.00
N LEU A 440 -12.49 -4.11 -18.97
CA LEU A 440 -12.70 -5.24 -18.06
C LEU A 440 -12.25 -4.86 -16.65
N LEU A 441 -11.55 -3.74 -16.56
CA LEU A 441 -11.08 -3.22 -15.29
C LEU A 441 -12.11 -2.22 -14.81
N ALA A 442 -12.52 -1.33 -15.71
CA ALA A 442 -13.49 -0.29 -15.37
C ALA A 442 -14.86 -0.82 -14.96
N THR A 443 -15.32 -1.85 -15.64
CA THR A 443 -16.62 -2.42 -15.36
C THR A 443 -16.80 -2.89 -13.91
N PRO A 444 -15.89 -3.74 -13.39
CA PRO A 444 -16.10 -4.16 -12.00
C PRO A 444 -15.98 -2.97 -11.06
N LEU A 445 -15.20 -1.98 -11.44
CA LEU A 445 -15.05 -0.80 -10.62
C LEU A 445 -16.41 -0.08 -10.54
N ILE A 446 -17.15 -0.07 -11.65
CA ILE A 446 -18.48 0.56 -11.69
C ILE A 446 -19.41 -0.23 -10.79
N ILE A 447 -19.24 -1.55 -10.78
CA ILE A 447 -20.04 -2.42 -9.93
C ILE A 447 -19.76 -2.10 -8.46
N ASP A 448 -18.49 -1.91 -8.12
CA ASP A 448 -18.10 -1.58 -6.74
C ASP A 448 -18.77 -0.29 -6.30
N LEU A 449 -18.61 0.78 -7.09
CA LEU A 449 -19.22 2.07 -6.77
C LEU A 449 -20.71 2.00 -6.50
N LEU A 450 -21.44 1.23 -7.30
CA LEU A 450 -22.88 1.10 -7.14
C LEU A 450 -23.25 0.29 -5.89
N VAL A 451 -22.48 -0.76 -5.62
CA VAL A 451 -22.75 -1.60 -4.47
C VAL A 451 -22.47 -0.81 -3.19
N MET A 452 -21.39 -0.04 -3.16
CA MET A 452 -21.04 0.74 -1.98
C MET A 452 -21.97 1.93 -1.78
N THR A 453 -22.35 2.57 -2.88
CA THR A 453 -23.26 3.70 -2.81
C THR A 453 -24.56 3.20 -2.21
N GLU A 454 -25.09 2.11 -2.76
CA GLU A 454 -26.33 1.53 -2.25
C GLU A 454 -26.20 1.18 -0.77
N PHE A 455 -25.06 0.58 -0.39
CA PHE A 455 -24.84 0.22 1.01
C PHE A 455 -24.92 1.48 1.87
N CYS A 456 -24.25 2.54 1.43
CA CYS A 456 -24.23 3.80 2.14
C CYS A 456 -25.59 4.42 2.34
N THR A 457 -26.49 4.27 1.36
CA THR A 457 -27.81 4.86 1.48
C THR A 457 -28.61 4.24 2.61
N ARG A 458 -28.14 3.11 3.11
CA ARG A 458 -28.80 2.41 4.22
C ARG A 458 -28.10 2.65 5.57
N VAL A 459 -27.15 3.57 5.58
CA VAL A 459 -26.40 3.90 6.78
C VAL A 459 -26.76 5.30 7.29
N SER A 460 -27.04 5.39 8.59
CA SER A 460 -27.33 6.67 9.22
C SER A 460 -26.62 6.63 10.56
N TYR A 461 -26.53 7.79 11.21
CA TYR A 461 -25.84 7.87 12.49
C TYR A 461 -26.24 9.10 13.29
N LYS A 462 -25.63 9.24 14.46
CA LYS A 462 -25.89 10.36 15.33
C LYS A 462 -24.80 10.47 16.36
N LYS A 463 -24.40 11.70 16.68
CA LYS A 463 -23.36 11.92 17.68
C LYS A 463 -23.92 11.47 19.03
N VAL A 464 -23.08 10.97 19.90
CA VAL A 464 -23.54 10.56 21.20
C VAL A 464 -22.93 11.50 22.22
N ASP A 465 -23.77 12.11 23.05
CA ASP A 465 -23.29 13.01 24.10
C ASP A 465 -22.91 12.12 25.27
N PRO A 466 -21.65 12.16 25.70
CA PRO A 466 -21.26 11.31 26.83
C PRO A 466 -22.05 11.58 28.11
N VAL A 467 -22.29 12.85 28.41
CA VAL A 467 -23.02 13.22 29.62
C VAL A 467 -24.49 13.51 29.40
N LYS A 468 -25.17 12.65 28.65
CA LYS A 468 -26.60 12.83 28.34
C LYS A 468 -27.05 11.73 27.39
N GLU A 469 -27.77 10.73 27.91
CA GLU A 469 -28.23 9.62 27.09
C GLU A 469 -29.04 10.05 25.86
N ASP A 470 -28.95 9.23 24.81
CA ASP A 470 -29.63 9.46 23.54
C ASP A 470 -29.93 10.92 23.16
N ALA A 471 -28.89 11.65 22.77
CA ALA A 471 -29.05 13.02 22.34
C ALA A 471 -29.30 12.93 20.85
N GLY A 472 -29.53 14.07 20.21
CA GLY A 472 -29.78 14.14 18.77
C GLY A 472 -30.59 13.03 18.11
N LYS A 473 -30.61 13.06 16.77
CA LYS A 473 -31.33 12.08 15.97
C LYS A 473 -30.46 11.67 14.78
N PHE A 474 -30.77 10.53 14.17
CA PHE A 474 -29.99 10.03 13.05
C PHE A 474 -29.98 10.88 11.80
N GLU A 475 -28.79 11.01 11.22
CA GLU A 475 -28.52 11.76 9.99
C GLU A 475 -27.99 10.81 8.93
N ASN A 476 -27.75 11.32 7.73
CA ASN A 476 -27.21 10.50 6.67
C ASN A 476 -25.81 10.99 6.39
N PHE A 477 -25.06 10.19 5.66
CA PHE A 477 -23.70 10.58 5.31
C PHE A 477 -23.70 11.98 4.68
N TYR A 478 -22.66 12.78 4.92
CA TYR A 478 -22.61 14.08 4.27
C TYR A 478 -22.67 13.74 2.77
N PRO A 479 -23.57 14.40 1.99
CA PRO A 479 -23.77 14.19 0.55
C PRO A 479 -22.60 13.70 -0.29
N VAL A 480 -21.45 14.37 -0.19
CA VAL A 480 -20.29 13.95 -0.96
C VAL A 480 -19.68 12.69 -0.35
N LEU A 481 -19.98 11.55 -0.96
CA LEU A 481 -19.50 10.26 -0.48
C LEU A 481 -18.01 10.04 -0.77
N THR A 482 -17.17 10.64 0.06
CA THR A 482 -15.72 10.50 -0.09
C THR A 482 -15.27 9.06 0.16
N PHE A 483 -16.15 8.25 0.76
CA PHE A 483 -15.85 6.86 1.04
C PHE A 483 -15.64 6.07 -0.26
N LEU A 484 -16.02 6.67 -1.38
CA LEU A 484 -15.91 6.04 -2.70
C LEU A 484 -14.66 6.47 -3.48
N SER A 485 -13.79 7.25 -2.83
CA SER A 485 -12.55 7.74 -3.45
C SER A 485 -11.64 6.64 -3.94
N TYR A 486 -11.72 5.46 -3.34
CA TYR A 486 -10.88 4.34 -3.73
C TYR A 486 -11.02 4.05 -5.22
N TRP A 487 -12.21 4.33 -5.76
CA TRP A 487 -12.48 4.09 -7.17
C TRP A 487 -12.45 5.30 -8.07
N LEU A 488 -12.18 6.47 -7.52
CA LEU A 488 -12.16 7.67 -8.33
C LEU A 488 -10.80 8.36 -8.34
N LYS A 489 -10.38 8.77 -9.55
CA LYS A 489 -9.10 9.42 -9.82
C LYS A 489 -8.93 10.78 -9.15
N ALA A 490 -9.97 11.61 -9.25
CA ALA A 490 -9.97 12.93 -8.64
C ALA A 490 -11.08 12.97 -7.58
N PRO A 491 -10.75 12.53 -6.35
CA PRO A 491 -11.71 12.51 -5.23
C PRO A 491 -12.42 13.85 -4.98
N LEU A 492 -13.74 13.85 -5.04
CA LEU A 492 -14.52 15.07 -4.78
C LEU A 492 -14.44 15.34 -3.27
N THR A 493 -14.09 16.56 -2.89
CA THR A 493 -13.96 16.87 -1.47
C THR A 493 -15.01 17.84 -0.93
N ARG A 494 -15.07 17.91 0.39
CA ARG A 494 -15.98 18.81 1.09
C ARG A 494 -15.25 20.15 1.16
N PRO A 495 -15.99 21.27 1.15
CA PRO A 495 -15.28 22.55 1.22
C PRO A 495 -14.33 22.63 2.41
N GLY A 496 -13.04 22.85 2.12
CA GLY A 496 -12.06 22.96 3.18
C GLY A 496 -11.08 21.80 3.31
N PHE A 497 -11.57 20.60 3.01
CA PHE A 497 -10.74 19.40 3.10
C PHE A 497 -10.08 19.05 1.78
N HIS A 498 -8.80 18.70 1.85
CA HIS A 498 -8.05 18.31 0.67
C HIS A 498 -8.34 16.83 0.37
N PRO A 499 -8.22 16.43 -0.90
CA PRO A 499 -8.49 15.03 -1.22
C PRO A 499 -7.32 14.13 -0.84
N VAL A 500 -7.60 12.87 -0.59
CA VAL A 500 -6.56 11.91 -0.26
C VAL A 500 -6.63 10.85 -1.34
N ASN A 501 -5.50 10.63 -2.00
CA ASN A 501 -5.42 9.67 -3.10
C ASN A 501 -4.74 8.36 -2.71
N GLY A 502 -4.21 8.29 -1.49
CA GLY A 502 -3.54 7.08 -1.05
C GLY A 502 -4.46 5.88 -1.15
N LEU A 503 -4.27 5.09 -2.20
CA LEU A 503 -5.12 3.93 -2.44
C LEU A 503 -5.27 2.98 -1.25
N ASN A 504 -4.15 2.59 -0.64
CA ASN A 504 -4.20 1.66 0.48
C ASN A 504 -4.94 2.23 1.66
N LYS A 505 -4.83 3.55 1.83
CA LYS A 505 -5.53 4.24 2.92
C LYS A 505 -7.02 4.34 2.57
N GLN A 506 -7.32 4.50 1.29
CA GLN A 506 -8.72 4.59 0.84
C GLN A 506 -9.43 3.26 1.09
N ARG A 507 -8.73 2.14 0.90
CA ARG A 507 -9.38 0.86 1.14
C ARG A 507 -9.47 0.59 2.64
N THR A 508 -8.45 1.02 3.37
CA THR A 508 -8.42 0.85 4.83
C THR A 508 -9.63 1.53 5.44
N ALA A 509 -9.93 2.74 4.99
CA ALA A 509 -11.10 3.49 5.48
C ALA A 509 -12.35 2.65 5.30
N LEU A 510 -12.49 2.08 4.10
CA LEU A 510 -13.64 1.23 3.80
C LEU A 510 -13.65 0.01 4.70
N GLU A 511 -12.47 -0.59 4.87
CA GLU A 511 -12.34 -1.77 5.70
C GLU A 511 -12.78 -1.45 7.13
N ASN A 512 -12.09 -0.50 7.75
CA ASN A 512 -12.39 -0.08 9.13
C ASN A 512 -13.84 0.33 9.30
N PHE A 513 -14.41 0.94 8.26
CA PHE A 513 -15.81 1.33 8.33
C PHE A 513 -16.67 0.09 8.50
N LEU A 514 -16.49 -0.91 7.64
CA LEU A 514 -17.29 -2.14 7.76
C LEU A 514 -17.03 -2.82 9.11
N ARG A 515 -15.76 -2.86 9.52
CA ARG A 515 -15.37 -3.48 10.79
C ARG A 515 -16.09 -2.84 11.99
N LEU A 516 -16.10 -1.52 12.04
CA LEU A 516 -16.75 -0.84 13.15
C LEU A 516 -18.25 -1.15 13.24
N LEU A 517 -18.93 -1.18 12.09
CA LEU A 517 -20.37 -1.47 12.09
C LEU A 517 -20.70 -2.79 12.77
N ILE A 518 -19.77 -3.75 12.75
CA ILE A 518 -20.03 -5.01 13.43
C ILE A 518 -19.26 -5.08 14.76
N GLY A 519 -18.91 -3.91 15.30
CA GLY A 519 -18.20 -3.84 16.57
C GLY A 519 -16.75 -4.26 16.64
N LEU A 520 -16.03 -4.19 15.51
CA LEU A 520 -14.62 -4.55 15.48
C LEU A 520 -13.74 -3.32 15.41
N PRO A 521 -12.63 -3.32 16.16
CA PRO A 521 -11.71 -2.19 16.18
C PRO A 521 -10.95 -2.13 14.86
N SER A 522 -10.33 -0.99 14.57
CA SER A 522 -9.59 -0.86 13.33
C SER A 522 -8.37 -1.79 13.34
N GLN A 523 -7.95 -2.24 12.17
CA GLN A 523 -6.78 -3.11 12.07
C GLN A 523 -5.58 -2.32 12.53
N ASN A 524 -4.73 -2.90 13.38
CA ASN A 524 -3.54 -2.20 13.85
C ASN A 524 -2.22 -2.83 13.41
N GLU A 525 -2.27 -4.09 13.00
CA GLU A 525 -1.07 -4.80 12.54
C GLU A 525 0.00 -4.95 13.63
N LEU A 526 -0.39 -4.75 14.89
CA LEU A 526 0.58 -4.85 15.97
C LEU A 526 0.91 -6.30 16.32
N ARG A 527 -0.06 -7.19 16.18
CA ARG A 527 0.14 -8.62 16.46
C ARG A 527 0.94 -8.92 17.72
N PHE A 528 0.49 -8.38 18.86
CA PHE A 528 1.19 -8.59 20.12
C PHE A 528 1.09 -10.03 20.65
N GLU A 529 0.20 -10.83 20.09
CA GLU A 529 0.06 -12.22 20.52
C GLU A 529 1.34 -12.97 20.20
N GLU A 530 2.13 -12.46 19.27
CA GLU A 530 3.39 -13.10 18.89
C GLU A 530 4.60 -12.23 19.20
N ARG A 531 4.43 -10.91 19.10
CA ARG A 531 5.52 -9.97 19.34
C ARG A 531 5.85 -9.74 20.82
N LEU A 532 4.96 -10.19 21.69
CA LEU A 532 5.17 -10.03 23.12
C LEU A 532 4.94 -11.35 23.83
N LEU A 533 5.84 -11.71 24.74
CA LEU A 533 5.70 -12.96 25.50
C LEU A 533 4.43 -12.91 26.33
N THR B 10 12.82 19.75 16.11
CA THR B 10 11.51 19.10 15.80
C THR B 10 11.18 18.02 16.83
N SER B 11 10.01 18.14 17.46
CA SER B 11 9.58 17.20 18.49
C SER B 11 8.05 17.14 18.59
N VAL B 12 7.56 16.11 19.26
CA VAL B 12 6.13 15.92 19.41
C VAL B 12 5.72 15.84 20.88
N LYS B 13 4.66 16.58 21.23
CA LYS B 13 4.14 16.63 22.60
C LYS B 13 2.65 16.34 22.60
N VAL B 14 2.27 15.16 23.10
CA VAL B 14 0.87 14.76 23.16
C VAL B 14 0.28 14.97 24.56
N VAL B 15 -0.91 15.56 24.62
CA VAL B 15 -1.59 15.79 25.88
C VAL B 15 -2.54 14.61 26.10
N THR B 16 -2.08 13.61 26.85
CA THR B 16 -2.87 12.42 27.12
C THR B 16 -2.58 11.91 28.53
N ASP B 17 -3.60 11.39 29.20
CA ASP B 17 -3.40 10.89 30.54
C ASP B 17 -2.83 9.47 30.52
N LYS B 18 -2.63 8.93 29.31
CA LYS B 18 -2.09 7.59 29.17
C LYS B 18 -0.57 7.59 29.41
N CYS B 19 0.02 8.78 29.29
CA CYS B 19 1.47 8.93 29.43
C CYS B 19 1.99 9.76 30.61
N THR B 20 2.94 9.18 31.33
CA THR B 20 3.57 9.85 32.47
C THR B 20 5.07 9.61 32.41
N TYR B 21 5.84 10.67 32.70
CA TYR B 21 7.29 10.61 32.68
C TYR B 21 7.87 10.61 34.10
N LYS B 22 8.90 9.80 34.33
CA LYS B 22 9.53 9.74 35.65
C LYS B 22 10.99 9.26 35.57
N ASP B 23 11.92 10.20 35.77
CA ASP B 23 13.35 9.87 35.74
C ASP B 23 13.82 9.56 34.33
N ASN B 24 13.37 10.34 33.35
CA ASN B 24 13.75 10.08 31.95
C ASN B 24 13.23 8.70 31.57
N GLU B 25 12.02 8.39 32.04
CA GLU B 25 11.39 7.11 31.78
C GLU B 25 9.95 7.39 31.40
N LEU B 26 9.45 6.71 30.37
CA LEU B 26 8.08 6.91 29.96
C LEU B 26 7.24 5.67 30.23
N LEU B 27 6.08 5.88 30.83
CA LEU B 27 5.14 4.80 31.14
C LEU B 27 3.86 5.11 30.36
N THR B 28 3.48 4.20 29.49
CA THR B 28 2.29 4.42 28.69
C THR B 28 1.32 3.26 28.80
N LYS B 29 0.06 3.61 28.98
CA LYS B 29 -0.99 2.61 29.09
C LYS B 29 -1.53 2.35 27.69
N TYR B 30 -1.79 1.09 27.38
CA TYR B 30 -2.30 0.77 26.07
C TYR B 30 -3.17 -0.48 26.09
N SER B 31 -4.41 -0.32 25.65
CA SER B 31 -5.36 -1.42 25.60
C SER B 31 -5.32 -1.99 24.20
N TYR B 32 -4.76 -3.18 24.05
CA TYR B 32 -4.64 -3.81 22.74
C TYR B 32 -5.83 -4.70 22.41
N GLU B 33 -6.53 -4.33 21.35
CA GLU B 33 -7.68 -5.09 20.91
C GLU B 33 -7.35 -5.92 19.69
N ASN B 34 -8.10 -7.00 19.50
CA ASN B 34 -7.91 -7.91 18.38
C ASN B 34 -9.08 -8.89 18.48
N ALA B 35 -9.06 -9.98 17.73
CA ALA B 35 -10.19 -10.90 17.80
C ALA B 35 -9.82 -12.31 17.41
N VAL B 36 -10.59 -13.27 17.93
CA VAL B 36 -10.37 -14.66 17.65
C VAL B 36 -11.55 -15.11 16.80
N VAL B 37 -11.26 -15.77 15.68
CA VAL B 37 -12.29 -16.21 14.75
C VAL B 37 -12.39 -17.73 14.61
N THR B 38 -13.60 -18.23 14.43
CA THR B 38 -13.82 -19.66 14.24
C THR B 38 -14.93 -19.89 13.21
N LYS B 39 -14.55 -20.39 12.04
CA LYS B 39 -15.52 -20.64 10.98
C LYS B 39 -16.29 -21.94 11.22
N THR B 40 -17.53 -21.81 11.68
CA THR B 40 -18.37 -22.97 11.93
C THR B 40 -18.46 -23.82 10.67
N ALA B 41 -18.96 -25.04 10.82
CA ALA B 41 -19.11 -25.96 9.70
C ALA B 41 -19.76 -25.30 8.48
N SER B 42 -20.93 -24.71 8.68
CA SER B 42 -21.68 -24.04 7.62
C SER B 42 -20.98 -22.83 6.99
N GLY B 43 -19.71 -22.63 7.35
CA GLY B 43 -18.96 -21.52 6.81
C GLY B 43 -19.30 -20.16 7.42
N ARG B 44 -19.79 -20.18 8.66
CA ARG B 44 -20.15 -18.94 9.35
C ARG B 44 -18.98 -18.53 10.24
N PHE B 45 -18.61 -17.25 10.17
CA PHE B 45 -17.50 -16.73 10.95
C PHE B 45 -17.93 -16.17 12.30
N ASP B 46 -17.52 -16.84 13.37
CA ASP B 46 -17.83 -16.37 14.70
C ASP B 46 -16.62 -15.63 15.20
N VAL B 47 -16.86 -14.38 15.61
CA VAL B 47 -15.77 -13.54 16.09
C VAL B 47 -16.01 -12.99 17.49
N THR B 48 -15.04 -13.23 18.36
CA THR B 48 -15.09 -12.75 19.73
C THR B 48 -13.97 -11.75 19.90
N PRO B 49 -14.32 -10.49 20.14
CA PRO B 49 -13.26 -9.50 20.31
C PRO B 49 -12.46 -9.83 21.57
N THR B 50 -11.18 -9.48 21.57
CA THR B 50 -10.31 -9.73 22.72
C THR B 50 -9.63 -8.41 23.06
N VAL B 51 -9.19 -8.27 24.30
CA VAL B 51 -8.51 -7.06 24.73
C VAL B 51 -7.53 -7.37 25.84
N GLN B 52 -6.32 -6.84 25.70
CA GLN B 52 -5.28 -7.04 26.69
C GLN B 52 -4.70 -5.67 27.02
N ASP B 53 -4.65 -5.34 28.30
CA ASP B 53 -4.09 -4.04 28.69
C ASP B 53 -2.60 -4.16 28.94
N TYR B 54 -1.85 -3.16 28.48
CA TYR B 54 -0.42 -3.14 28.66
C TYR B 54 0.06 -1.81 29.19
N VAL B 55 1.30 -1.82 29.69
CA VAL B 55 1.95 -0.62 30.14
C VAL B 55 3.34 -0.77 29.56
N PHE B 56 3.77 0.24 28.82
CA PHE B 56 5.09 0.19 28.21
C PHE B 56 6.01 1.18 28.92
N LYS B 57 7.27 0.78 29.09
CA LYS B 57 8.27 1.62 29.72
C LYS B 57 9.33 1.91 28.67
N LEU B 58 9.58 3.18 28.41
CA LEU B 58 10.57 3.56 27.44
C LEU B 58 11.65 4.37 28.11
N ASP B 59 12.87 3.85 28.08
CA ASP B 59 14.01 4.53 28.65
C ASP B 59 14.30 5.67 27.69
N LEU B 60 13.98 6.89 28.10
CA LEU B 60 14.18 8.05 27.24
C LEU B 60 15.65 8.44 27.03
N LYS B 61 16.54 7.91 27.86
CA LYS B 61 17.95 8.24 27.74
C LYS B 61 18.58 7.35 26.67
N LYS B 62 18.89 7.93 25.52
CA LYS B 62 19.48 7.20 24.42
C LYS B 62 20.98 7.40 24.38
N PRO B 63 21.73 6.40 23.87
CA PRO B 63 23.19 6.49 23.79
C PRO B 63 23.65 7.68 22.97
N GLU B 64 24.62 8.43 23.47
CA GLU B 64 25.12 9.61 22.76
C GLU B 64 25.92 9.17 21.54
N LYS B 65 26.36 7.92 21.56
CA LYS B 65 27.13 7.33 20.48
C LYS B 65 26.77 5.86 20.46
N LEU B 66 26.43 5.32 19.30
CA LEU B 66 26.07 3.92 19.22
C LEU B 66 27.14 3.15 18.48
N GLY B 67 27.57 2.06 19.10
CA GLY B 67 28.59 1.25 18.47
C GLY B 67 27.98 0.31 17.46
N ILE B 68 28.60 0.24 16.29
CA ILE B 68 28.11 -0.64 15.24
C ILE B 68 29.25 -1.51 14.73
N MET B 69 29.04 -2.82 14.79
CA MET B 69 30.05 -3.74 14.30
C MET B 69 29.42 -4.56 13.18
N LEU B 70 29.90 -4.34 11.98
CA LEU B 70 29.37 -5.03 10.82
C LEU B 70 30.26 -6.19 10.41
N ILE B 71 29.67 -7.36 10.24
CA ILE B 71 30.41 -8.52 9.77
C ILE B 71 30.28 -8.36 8.27
N GLY B 72 31.41 -8.21 7.58
CA GLY B 72 31.40 -7.99 6.15
C GLY B 72 31.55 -6.51 5.94
N LEU B 73 32.24 -5.88 6.89
CA LEU B 73 32.47 -4.44 6.87
C LEU B 73 33.11 -3.94 5.57
N GLY B 74 33.90 -4.79 4.92
CA GLY B 74 34.56 -4.36 3.70
C GLY B 74 33.80 -4.53 2.40
N GLY B 75 32.54 -4.93 2.49
CA GLY B 75 31.77 -5.14 1.29
C GLY B 75 31.12 -3.89 0.72
N ASN B 76 30.15 -4.12 -0.16
CA ASN B 76 29.42 -3.03 -0.78
C ASN B 76 28.60 -2.31 0.28
N ASN B 77 27.79 -3.05 1.02
CA ASN B 77 26.98 -2.42 2.08
C ASN B 77 27.85 -1.80 3.18
N GLY B 78 28.80 -2.58 3.70
CA GLY B 78 29.66 -2.08 4.76
C GLY B 78 30.35 -0.76 4.45
N SER B 79 31.02 -0.67 3.31
CA SER B 79 31.74 0.55 2.95
C SER B 79 30.81 1.72 2.66
N THR B 80 29.65 1.43 2.10
CA THR B 80 28.69 2.47 1.78
C THR B 80 28.07 2.97 3.09
N LEU B 81 27.88 2.05 4.05
CA LEU B 81 27.31 2.43 5.34
C LEU B 81 28.25 3.43 6.00
N VAL B 82 29.53 3.07 6.06
CA VAL B 82 30.52 3.93 6.66
C VAL B 82 30.63 5.25 5.91
N ALA B 83 30.60 5.21 4.58
CA ALA B 83 30.69 6.45 3.81
C ALA B 83 29.50 7.36 4.07
N SER B 84 28.31 6.79 4.15
CA SER B 84 27.14 7.59 4.38
C SER B 84 27.21 8.31 5.72
N VAL B 85 27.65 7.60 6.76
CA VAL B 85 27.75 8.20 8.09
C VAL B 85 28.73 9.37 8.10
N LEU B 86 29.90 9.18 7.51
CA LEU B 86 30.91 10.22 7.47
C LEU B 86 30.51 11.39 6.58
N ALA B 87 29.92 11.06 5.42
CA ALA B 87 29.51 12.08 4.47
C ALA B 87 28.47 13.03 5.08
N ASN B 88 27.47 12.48 5.74
CA ASN B 88 26.44 13.29 6.37
C ASN B 88 26.95 13.97 7.64
N LYS B 89 27.55 13.18 8.53
CA LYS B 89 28.09 13.69 9.79
C LYS B 89 28.97 14.92 9.58
N HIS B 90 29.80 14.88 8.54
CA HIS B 90 30.71 15.98 8.26
C HIS B 90 30.28 16.86 7.11
N ASN B 91 29.02 16.72 6.70
CA ASN B 91 28.47 17.50 5.59
C ASN B 91 29.41 17.58 4.39
N VAL B 92 29.86 16.43 3.91
CA VAL B 92 30.78 16.38 2.78
C VAL B 92 30.01 16.51 1.46
N GLU B 93 29.90 17.74 0.96
CA GLU B 93 29.21 17.95 -0.32
C GLU B 93 30.16 17.51 -1.41
N PHE B 94 29.60 16.94 -2.47
CA PHE B 94 30.43 16.42 -3.56
C PHE B 94 30.02 16.83 -4.98
N GLN B 95 31.00 16.75 -5.88
CA GLN B 95 30.80 17.09 -7.26
C GLN B 95 30.28 15.94 -8.10
N THR B 96 29.34 16.26 -8.97
CA THR B 96 28.74 15.30 -9.89
C THR B 96 28.52 16.09 -11.19
N LYS B 97 28.23 15.40 -12.30
CA LYS B 97 28.01 16.13 -13.53
C LYS B 97 26.72 16.92 -13.48
N GLU B 98 25.95 16.76 -12.40
CA GLU B 98 24.71 17.50 -12.20
C GLU B 98 25.02 18.62 -11.22
N GLY B 99 26.31 18.76 -10.90
CA GLY B 99 26.72 19.80 -9.97
C GLY B 99 26.94 19.30 -8.55
N VAL B 100 27.16 20.22 -7.63
CA VAL B 100 27.39 19.84 -6.24
C VAL B 100 26.14 19.29 -5.58
N LYS B 101 26.27 18.15 -4.93
CA LYS B 101 25.15 17.52 -4.24
C LYS B 101 25.40 17.47 -2.73
N GLN B 102 24.35 17.62 -1.94
CA GLN B 102 24.48 17.58 -0.49
C GLN B 102 24.16 16.20 -0.01
N PRO B 103 24.99 15.62 0.86
CA PRO B 103 24.74 14.28 1.37
C PRO B 103 23.43 14.23 2.10
N ASN B 104 22.82 13.06 2.14
CA ASN B 104 21.54 12.89 2.80
C ASN B 104 21.38 11.40 3.04
N TYR B 105 20.28 11.01 3.68
CA TYR B 105 20.00 9.60 3.96
C TYR B 105 18.75 9.13 3.21
N PHE B 106 18.58 9.59 1.96
CA PHE B 106 17.43 9.20 1.14
C PHE B 106 17.36 7.69 1.12
N GLY B 107 16.15 7.15 1.20
CA GLY B 107 16.01 5.70 1.18
C GLY B 107 15.84 5.17 2.58
N SER B 108 16.10 6.01 3.58
CA SER B 108 15.96 5.60 4.96
C SER B 108 14.60 6.02 5.46
N MET B 109 13.87 5.06 6.00
CA MET B 109 12.54 5.33 6.52
C MET B 109 12.61 6.12 7.83
N THR B 110 13.56 5.78 8.69
CA THR B 110 13.68 6.47 9.97
C THR B 110 14.22 7.89 9.81
N GLN B 111 15.01 8.12 8.77
CA GLN B 111 15.59 9.44 8.56
C GLN B 111 14.84 10.29 7.54
N CYS B 112 14.21 9.66 6.56
CA CYS B 112 13.56 10.45 5.52
C CYS B 112 12.09 10.21 5.21
N SER B 113 11.38 9.49 6.07
CA SER B 113 9.95 9.29 5.85
C SER B 113 9.24 10.06 6.96
N THR B 114 7.95 10.36 6.77
CA THR B 114 7.16 11.10 7.76
C THR B 114 5.93 10.30 8.14
N LEU B 115 5.26 10.74 9.20
CA LEU B 115 4.05 10.07 9.68
C LEU B 115 2.94 11.09 9.96
N LYS B 116 1.70 10.64 9.87
CA LYS B 116 0.57 11.52 10.14
C LYS B 116 0.26 11.52 11.62
N LEU B 117 0.40 12.67 12.26
CA LEU B 117 0.11 12.77 13.69
C LEU B 117 -1.39 13.03 13.91
N GLY B 118 -2.03 13.68 12.94
CA GLY B 118 -3.44 13.96 13.04
C GLY B 118 -3.79 15.05 12.07
N ILE B 119 -4.87 15.78 12.33
CA ILE B 119 -5.32 16.86 11.45
C ILE B 119 -5.25 18.24 12.11
N ASP B 120 -5.04 19.27 11.30
CA ASP B 120 -4.98 20.63 11.81
C ASP B 120 -6.40 21.17 11.91
N ALA B 121 -6.53 22.48 12.07
CA ALA B 121 -7.85 23.10 12.20
C ALA B 121 -8.66 23.21 10.91
N GLU B 122 -8.03 23.02 9.76
CA GLU B 122 -8.77 23.11 8.50
C GLU B 122 -9.27 21.71 8.10
N GLY B 123 -8.89 20.72 8.90
CA GLY B 123 -9.29 19.34 8.63
C GLY B 123 -8.29 18.64 7.74
N ASN B 124 -7.08 19.19 7.62
CA ASN B 124 -6.03 18.61 6.78
C ASN B 124 -4.93 17.87 7.56
N ASP B 125 -4.50 16.75 7.00
CA ASP B 125 -3.47 15.91 7.61
C ASP B 125 -2.22 16.68 7.99
N VAL B 126 -1.65 16.33 9.14
CA VAL B 126 -0.43 16.97 9.61
C VAL B 126 0.60 15.88 9.78
N TYR B 127 1.70 16.00 9.05
CA TYR B 127 2.79 15.02 9.09
C TYR B 127 3.99 15.47 9.88
N ALA B 128 4.68 14.50 10.46
CA ALA B 128 5.89 14.76 11.25
C ALA B 128 6.96 13.74 10.91
N PRO B 129 8.23 14.10 11.09
CA PRO B 129 9.31 13.16 10.81
C PRO B 129 9.11 11.87 11.57
N PHE B 130 9.50 10.75 10.94
CA PHE B 130 9.38 9.42 11.52
C PHE B 130 10.09 9.32 12.88
N ASN B 131 11.25 9.94 12.97
CA ASN B 131 12.01 9.88 14.20
C ASN B 131 11.82 11.12 15.08
N SER B 132 10.68 11.78 14.97
CA SER B 132 10.43 12.99 15.76
C SER B 132 9.43 12.78 16.90
N LEU B 133 8.81 11.62 16.97
CA LEU B 133 7.84 11.31 18.02
C LEU B 133 8.50 10.94 19.34
N LEU B 134 9.43 9.99 19.27
CA LEU B 134 10.17 9.54 20.44
C LEU B 134 11.67 9.60 20.12
N PRO B 135 12.52 9.79 21.14
CA PRO B 135 13.97 9.88 20.89
C PRO B 135 14.56 8.66 20.20
N MET B 136 15.32 8.92 19.14
CA MET B 136 15.98 7.85 18.37
C MET B 136 17.40 8.30 18.09
N VAL B 137 18.31 7.33 18.03
CA VAL B 137 19.70 7.66 17.75
C VAL B 137 19.90 7.90 16.25
N SER B 138 20.66 8.93 15.92
CA SER B 138 20.94 9.29 14.54
C SER B 138 22.12 8.50 13.97
N PRO B 139 22.09 8.18 12.66
CA PRO B 139 23.22 7.44 12.10
C PRO B 139 24.48 8.29 12.15
N ASN B 140 24.31 9.58 12.41
CA ASN B 140 25.45 10.49 12.49
C ASN B 140 26.25 10.24 13.76
N ASP B 141 25.67 9.50 14.71
CA ASP B 141 26.35 9.20 15.96
C ASP B 141 26.67 7.74 16.06
N PHE B 142 26.90 7.13 14.90
CA PHE B 142 27.26 5.74 14.80
C PHE B 142 28.78 5.71 14.80
N VAL B 143 29.34 4.77 15.55
CA VAL B 143 30.79 4.58 15.60
C VAL B 143 30.89 3.21 14.95
N VAL B 144 31.53 3.13 13.79
CA VAL B 144 31.55 1.86 13.08
C VAL B 144 32.88 1.14 12.95
N SER B 145 32.81 -0.16 13.23
CA SER B 145 33.93 -1.07 13.14
C SER B 145 33.32 -2.41 12.68
N GLY B 146 34.08 -3.49 12.75
CA GLY B 146 33.54 -4.77 12.32
C GLY B 146 34.59 -5.68 11.75
N TRP B 147 34.15 -6.82 11.19
CA TRP B 147 35.04 -7.84 10.64
C TRP B 147 34.88 -8.09 9.14
N ASP B 148 35.90 -8.68 8.53
CA ASP B 148 35.85 -9.03 7.11
C ASP B 148 37.02 -9.92 6.78
N ILE B 149 36.78 -11.00 6.04
CA ILE B 149 37.84 -11.93 5.66
C ILE B 149 38.87 -11.28 4.74
N ASN B 150 38.62 -10.07 4.28
CA ASN B 150 39.58 -9.35 3.44
C ASN B 150 40.02 -8.13 4.24
N ASN B 151 41.31 -7.82 4.24
CA ASN B 151 41.81 -6.71 5.05
C ASN B 151 41.91 -5.32 4.43
N ALA B 152 41.35 -5.14 3.24
CA ALA B 152 41.43 -3.82 2.59
C ALA B 152 40.73 -2.77 3.45
N ASP B 153 41.32 -1.57 3.51
CA ASP B 153 40.73 -0.48 4.28
C ASP B 153 39.45 -0.08 3.55
N LEU B 154 38.57 0.67 4.22
CA LEU B 154 37.31 1.03 3.59
C LEU B 154 37.41 2.01 2.44
N TYR B 155 38.59 2.57 2.21
CA TYR B 155 38.73 3.44 1.06
C TYR B 155 38.86 2.49 -0.13
N GLU B 156 39.77 1.53 -0.02
CA GLU B 156 40.00 0.55 -1.06
C GLU B 156 38.70 -0.22 -1.29
N ALA B 157 37.96 -0.47 -0.21
CA ALA B 157 36.70 -1.19 -0.31
C ALA B 157 35.69 -0.38 -1.14
N MET B 158 35.73 0.94 -1.00
CA MET B 158 34.84 1.82 -1.76
C MET B 158 35.17 1.73 -3.25
N GLN B 159 36.46 1.83 -3.56
CA GLN B 159 36.93 1.75 -4.93
C GLN B 159 36.51 0.44 -5.55
N ARG B 160 36.67 -0.62 -4.77
CA ARG B 160 36.33 -1.95 -5.22
C ARG B 160 34.83 -2.11 -5.46
N SER B 161 34.01 -1.47 -4.63
CA SER B 161 32.56 -1.58 -4.77
C SER B 161 31.99 -0.81 -5.93
N GLN B 162 32.64 0.30 -6.29
CA GLN B 162 32.20 1.13 -7.40
C GLN B 162 30.74 1.52 -7.19
N VAL B 163 30.41 1.90 -5.96
CA VAL B 163 29.05 2.28 -5.66
C VAL B 163 28.86 3.79 -5.60
N LEU B 164 29.86 4.51 -5.09
CA LEU B 164 29.73 5.95 -4.93
C LEU B 164 30.46 6.86 -5.93
N GLU B 165 29.92 8.06 -6.13
CA GLU B 165 30.54 9.04 -7.03
C GLU B 165 32.02 9.07 -6.73
N TYR B 166 32.83 9.01 -7.77
CA TYR B 166 34.26 9.06 -7.60
C TYR B 166 34.69 10.25 -6.74
N ASP B 167 34.18 11.45 -7.04
CA ASP B 167 34.55 12.63 -6.28
C ASP B 167 34.22 12.55 -4.80
N LEU B 168 33.08 11.92 -4.48
CA LEU B 168 32.69 11.75 -3.09
C LEU B 168 33.70 10.75 -2.48
N GLN B 169 34.09 9.75 -3.26
CA GLN B 169 35.07 8.78 -2.78
C GLN B 169 36.37 9.47 -2.43
N GLN B 170 36.77 10.42 -3.25
CA GLN B 170 38.01 11.14 -3.00
C GLN B 170 37.93 12.09 -1.80
N ARG B 171 36.78 12.68 -1.55
CA ARG B 171 36.63 13.58 -0.41
C ARG B 171 36.61 12.82 0.91
N LEU B 172 36.34 11.53 0.84
CA LEU B 172 36.28 10.69 2.02
C LEU B 172 37.51 9.78 2.08
N LYS B 173 38.41 9.95 1.13
CA LYS B 173 39.60 9.12 1.06
C LYS B 173 40.43 9.13 2.33
N ALA B 174 40.72 10.32 2.83
CA ALA B 174 41.54 10.47 4.03
C ALA B 174 40.93 9.81 5.27
N LYS B 175 39.61 9.88 5.41
CA LYS B 175 38.95 9.30 6.57
C LYS B 175 38.69 7.81 6.43
N MET B 176 38.28 7.40 5.24
CA MET B 176 37.97 5.99 5.00
C MET B 176 39.21 5.11 5.04
N SER B 177 40.35 5.67 4.66
CA SER B 177 41.58 4.88 4.66
C SER B 177 41.95 4.46 6.07
N LEU B 178 41.53 5.25 7.06
CA LEU B 178 41.82 4.98 8.46
C LEU B 178 41.04 3.80 8.99
N VAL B 179 39.92 3.49 8.35
CA VAL B 179 39.10 2.39 8.81
C VAL B 179 39.52 1.10 8.14
N LYS B 180 39.74 0.07 8.97
CA LYS B 180 40.16 -1.23 8.47
C LYS B 180 39.42 -2.32 9.22
N PRO B 181 38.93 -3.34 8.48
CA PRO B 181 38.20 -4.46 9.10
C PRO B 181 39.08 -5.42 9.92
N LEU B 182 38.52 -5.94 11.00
CA LEU B 182 39.21 -6.87 11.87
C LEU B 182 39.20 -8.22 11.18
N PRO B 183 40.18 -9.08 11.49
CA PRO B 183 40.20 -10.41 10.86
C PRO B 183 38.91 -11.10 11.29
N SER B 184 38.45 -12.05 10.48
CA SER B 184 37.20 -12.73 10.81
C SER B 184 37.32 -14.24 10.76
N ILE B 185 36.19 -14.90 10.94
CA ILE B 185 36.13 -16.36 10.94
C ILE B 185 35.77 -16.86 9.55
N TYR B 186 36.68 -17.60 8.93
CA TYR B 186 36.44 -18.12 7.60
C TYR B 186 36.36 -19.63 7.52
N TYR B 187 35.14 -20.17 7.34
CA TYR B 187 34.95 -21.61 7.19
C TYR B 187 34.58 -21.78 5.73
N PRO B 188 35.57 -22.08 4.86
CA PRO B 188 35.44 -22.27 3.42
C PRO B 188 34.18 -22.98 2.95
N ASP B 189 33.89 -24.13 3.54
CA ASP B 189 32.73 -24.89 3.13
C ASP B 189 31.40 -24.16 3.24
N PHE B 190 31.35 -23.05 3.97
CA PHE B 190 30.08 -22.37 4.13
C PHE B 190 29.66 -21.35 3.08
N ILE B 191 30.60 -20.87 2.27
CA ILE B 191 30.24 -19.91 1.24
C ILE B 191 30.68 -20.36 -0.15
N ALA B 192 30.54 -19.47 -1.15
CA ALA B 192 30.92 -19.78 -2.52
C ALA B 192 32.44 -19.91 -2.62
N ALA B 193 32.89 -21.08 -3.09
CA ALA B 193 34.32 -21.38 -3.23
C ALA B 193 35.18 -20.27 -3.83
N ASN B 194 34.61 -19.50 -4.75
CA ASN B 194 35.32 -18.40 -5.40
C ASN B 194 35.71 -17.29 -4.44
N GLN B 195 35.29 -17.42 -3.18
CA GLN B 195 35.60 -16.43 -2.14
C GLN B 195 36.78 -16.97 -1.35
N ASP B 196 37.62 -17.75 -2.02
CA ASP B 196 38.78 -18.34 -1.38
C ASP B 196 40.05 -17.49 -1.36
N GLU B 197 40.29 -16.72 -2.42
CA GLU B 197 41.48 -15.88 -2.47
C GLU B 197 41.23 -14.47 -1.94
N ARG B 198 39.98 -14.21 -1.58
CA ARG B 198 39.58 -12.92 -1.03
C ARG B 198 39.91 -12.92 0.46
N ALA B 199 39.99 -14.13 1.03
CA ALA B 199 40.25 -14.32 2.45
C ALA B 199 41.69 -14.23 2.87
N ASN B 200 42.14 -13.02 3.21
CA ASN B 200 43.51 -12.83 3.65
C ASN B 200 43.49 -12.19 5.04
N ASN B 201 42.35 -12.28 5.71
CA ASN B 201 42.17 -11.68 7.03
C ASN B 201 41.37 -12.63 7.95
N CYS B 202 41.99 -13.72 8.38
CA CYS B 202 41.31 -14.71 9.23
C CYS B 202 41.94 -14.91 10.60
N ILE B 203 41.12 -15.16 11.61
CA ILE B 203 41.60 -15.40 12.97
C ILE B 203 41.68 -16.90 13.17
N ASN B 204 40.84 -17.65 12.48
CA ASN B 204 40.86 -19.11 12.59
C ASN B 204 41.99 -19.75 11.79
N LEU B 205 43.19 -19.69 12.34
CA LEU B 205 44.39 -20.28 11.73
C LEU B 205 45.02 -21.24 12.74
N ASP B 206 45.59 -22.34 12.25
CA ASP B 206 46.23 -23.31 13.14
C ASP B 206 47.70 -22.92 13.37
N GLU B 207 48.46 -23.81 14.01
CA GLU B 207 49.88 -23.55 14.28
C GLU B 207 50.69 -23.39 13.00
N LYS B 208 50.27 -24.07 11.94
CA LYS B 208 50.97 -23.97 10.67
C LYS B 208 50.48 -22.75 9.90
N GLY B 209 49.94 -21.79 10.64
CA GLY B 209 49.42 -20.56 10.06
C GLY B 209 48.33 -20.74 9.02
N ASN B 210 47.77 -21.94 8.94
CA ASN B 210 46.72 -22.25 7.97
C ASN B 210 45.31 -22.09 8.51
N VAL B 211 44.37 -21.84 7.60
CA VAL B 211 42.98 -21.67 7.94
C VAL B 211 42.38 -23.00 8.37
N THR B 212 41.76 -23.01 9.55
CA THR B 212 41.15 -24.23 10.07
C THR B 212 39.73 -24.02 10.60
N THR B 213 38.96 -25.10 10.71
CA THR B 213 37.60 -25.02 11.24
C THR B 213 37.66 -25.67 12.62
N ARG B 214 38.89 -25.90 13.08
CA ARG B 214 39.16 -26.51 14.38
C ARG B 214 39.44 -25.42 15.41
N GLY B 215 38.87 -25.56 16.60
CA GLY B 215 39.08 -24.58 17.65
C GLY B 215 37.98 -23.53 17.66
N LYS B 216 36.83 -23.90 17.13
CA LYS B 216 35.69 -23.01 17.04
C LYS B 216 35.38 -22.24 18.32
N TRP B 217 35.65 -22.83 19.49
CA TRP B 217 35.37 -22.12 20.73
C TRP B 217 36.33 -20.95 20.94
N THR B 218 37.59 -21.14 20.58
CA THR B 218 38.54 -20.06 20.76
C THR B 218 38.18 -18.96 19.78
N HIS B 219 37.50 -19.32 18.69
CA HIS B 219 37.07 -18.36 17.68
C HIS B 219 35.97 -17.51 18.29
N LEU B 220 34.98 -18.17 18.90
CA LEU B 220 33.89 -17.49 19.57
C LEU B 220 34.46 -16.52 20.64
N GLN B 221 35.43 -16.99 21.42
CA GLN B 221 36.03 -16.17 22.47
C GLN B 221 36.78 -14.95 21.94
N ARG B 222 37.33 -15.05 20.74
CA ARG B 222 38.04 -13.94 20.12
C ARG B 222 37.07 -12.87 19.65
N ILE B 223 35.87 -13.28 19.22
CA ILE B 223 34.84 -12.34 18.75
C ILE B 223 34.34 -11.52 19.94
N ARG B 224 34.09 -12.21 21.06
CA ARG B 224 33.64 -11.55 22.27
C ARG B 224 34.69 -10.53 22.69
N ARG B 225 35.96 -10.92 22.57
CA ARG B 225 37.04 -10.01 22.91
C ARG B 225 37.04 -8.80 21.96
N ASP B 226 36.79 -9.04 20.67
CA ASP B 226 36.76 -7.94 19.69
C ASP B 226 35.65 -6.96 20.06
N ILE B 227 34.52 -7.49 20.50
CA ILE B 227 33.39 -6.65 20.89
C ILE B 227 33.74 -5.86 22.17
N GLN B 228 34.30 -6.55 23.17
CA GLN B 228 34.68 -5.88 24.43
C GLN B 228 35.68 -4.78 24.16
N ASN B 229 36.69 -5.09 23.36
CA ASN B 229 37.73 -4.12 23.03
C ASN B 229 37.15 -2.91 22.30
N PHE B 230 36.29 -3.16 21.33
CA PHE B 230 35.67 -2.08 20.56
C PHE B 230 34.94 -1.12 21.48
N LYS B 231 34.16 -1.69 22.41
CA LYS B 231 33.38 -0.94 23.40
C LYS B 231 34.32 -0.13 24.29
N GLU B 232 35.27 -0.81 24.90
CA GLU B 232 36.21 -0.14 25.79
C GLU B 232 37.05 0.90 25.04
N GLU B 233 37.62 0.50 23.93
CA GLU B 233 38.45 1.37 23.10
C GLU B 233 37.76 2.67 22.68
N ASN B 234 36.43 2.66 22.56
CA ASN B 234 35.72 3.88 22.16
C ASN B 234 34.87 4.45 23.28
N ALA B 235 34.88 3.78 24.43
CA ALA B 235 34.11 4.22 25.58
C ALA B 235 32.63 4.29 25.19
N LEU B 236 32.12 3.17 24.69
CA LEU B 236 30.73 3.07 24.27
C LEU B 236 30.03 2.12 25.20
N ASP B 237 28.78 2.41 25.53
CA ASP B 237 28.01 1.55 26.41
C ASP B 237 27.18 0.63 25.55
N LYS B 238 26.66 1.17 24.44
CA LYS B 238 25.83 0.38 23.54
C LYS B 238 26.48 0.05 22.20
N VAL B 239 26.33 -1.22 21.82
CA VAL B 239 26.86 -1.72 20.56
C VAL B 239 25.84 -2.66 19.94
N ILE B 240 25.76 -2.64 18.60
CA ILE B 240 24.86 -3.54 17.90
C ILE B 240 25.68 -4.23 16.81
N VAL B 241 25.46 -5.52 16.61
CA VAL B 241 26.19 -6.27 15.59
C VAL B 241 25.22 -6.66 14.48
N LEU B 242 25.66 -6.47 13.24
CA LEU B 242 24.82 -6.80 12.09
C LEU B 242 25.63 -7.52 11.01
N TRP B 243 25.11 -8.67 10.59
CA TRP B 243 25.73 -9.49 9.56
C TRP B 243 25.35 -8.99 8.16
N THR B 244 26.35 -8.61 7.37
CA THR B 244 26.13 -8.15 6.00
C THR B 244 27.29 -8.70 5.17
N ALA B 245 27.52 -10.00 5.34
CA ALA B 245 28.58 -10.70 4.64
C ALA B 245 27.93 -11.67 3.66
N ASN B 246 28.76 -12.33 2.85
CA ASN B 246 28.29 -13.27 1.84
C ASN B 246 27.33 -14.26 2.44
N THR B 247 26.25 -14.57 1.71
CA THR B 247 25.25 -15.53 2.17
C THR B 247 25.90 -16.89 2.36
N GLU B 248 25.57 -17.53 3.48
CA GLU B 248 26.10 -18.84 3.81
C GLU B 248 25.11 -19.89 3.37
N ARG B 249 25.57 -21.13 3.30
CA ARG B 249 24.69 -22.22 2.94
C ARG B 249 23.99 -22.63 4.23
N TYR B 250 22.68 -22.84 4.18
CA TYR B 250 21.94 -23.25 5.36
C TYR B 250 22.63 -24.42 6.07
N VAL B 251 22.53 -24.42 7.39
CA VAL B 251 23.11 -25.48 8.21
C VAL B 251 21.95 -26.39 8.56
N GLU B 252 22.23 -27.66 8.81
CA GLU B 252 21.17 -28.58 9.15
C GLU B 252 20.87 -28.59 10.65
N VAL B 253 19.60 -28.36 10.98
CA VAL B 253 19.18 -28.34 12.38
C VAL B 253 18.85 -29.76 12.86
N SER B 254 19.82 -30.40 13.51
CA SER B 254 19.65 -31.75 14.02
C SER B 254 19.64 -31.80 15.54
N PRO B 255 18.77 -32.64 16.14
CA PRO B 255 18.66 -32.77 17.59
C PRO B 255 19.97 -33.18 18.24
N GLY B 256 20.25 -32.60 19.40
CA GLY B 256 21.46 -32.92 20.10
C GLY B 256 22.61 -32.02 19.69
N VAL B 257 22.52 -31.44 18.50
CA VAL B 257 23.58 -30.55 18.02
C VAL B 257 23.27 -29.08 18.24
N ASN B 258 22.20 -28.58 17.64
CA ASN B 258 21.85 -27.17 17.80
C ASN B 258 20.38 -26.89 18.11
N ASP B 259 19.75 -27.80 18.87
CA ASP B 259 18.35 -27.65 19.24
C ASP B 259 18.14 -26.94 20.58
N THR B 260 19.20 -26.88 21.40
CA THR B 260 19.14 -26.22 22.70
C THR B 260 20.42 -25.41 22.91
N MET B 261 20.37 -24.40 23.77
CA MET B 261 21.53 -23.56 24.00
C MET B 261 22.72 -24.32 24.60
N GLU B 262 22.44 -25.42 25.28
CA GLU B 262 23.53 -26.20 25.88
C GLU B 262 24.19 -27.06 24.81
N ASN B 263 23.39 -27.68 23.95
CA ASN B 263 23.94 -28.49 22.86
C ASN B 263 24.74 -27.57 21.93
N LEU B 264 24.12 -26.45 21.56
CA LEU B 264 24.74 -25.48 20.67
C LEU B 264 26.11 -25.07 21.20
N LEU B 265 26.14 -24.59 22.43
CA LEU B 265 27.40 -24.16 23.05
C LEU B 265 28.37 -25.33 23.12
N GLN B 266 27.82 -26.53 23.28
CA GLN B 266 28.62 -27.74 23.34
C GLN B 266 29.20 -28.06 21.97
N SER B 267 28.34 -28.02 20.96
CA SER B 267 28.76 -28.30 19.58
C SER B 267 29.86 -27.33 19.17
N ILE B 268 29.73 -26.07 19.55
CA ILE B 268 30.73 -25.07 19.21
C ILE B 268 32.09 -25.49 19.77
N LYS B 269 32.09 -26.08 20.96
CA LYS B 269 33.32 -26.54 21.61
C LYS B 269 33.81 -27.80 20.94
N ASN B 270 32.86 -28.55 20.38
CA ASN B 270 33.15 -29.81 19.69
C ASN B 270 33.45 -29.60 18.23
N ASP B 271 33.67 -28.35 17.83
CA ASP B 271 33.96 -28.02 16.43
C ASP B 271 33.01 -28.68 15.43
N HIS B 272 31.76 -28.88 15.84
CA HIS B 272 30.77 -29.49 14.97
C HIS B 272 30.63 -28.78 13.62
N GLU B 273 30.41 -29.56 12.56
CA GLU B 273 30.28 -29.04 11.21
C GLU B 273 28.99 -28.29 10.95
N GLU B 274 28.06 -28.32 11.90
CA GLU B 274 26.81 -27.59 11.74
C GLU B 274 26.92 -26.19 12.37
N ILE B 275 28.14 -25.82 12.78
CA ILE B 275 28.38 -24.51 13.38
C ILE B 275 29.07 -23.63 12.35
N ALA B 276 28.32 -22.69 11.78
CA ALA B 276 28.84 -21.78 10.77
C ALA B 276 29.41 -20.53 11.42
N PRO B 277 30.18 -19.73 10.66
CA PRO B 277 30.76 -18.50 11.20
C PRO B 277 29.70 -17.55 11.75
N SER B 278 28.59 -17.44 11.04
CA SER B 278 27.51 -16.57 11.47
C SER B 278 26.98 -17.09 12.79
N THR B 279 26.95 -18.42 12.94
CA THR B 279 26.48 -19.04 14.17
C THR B 279 27.31 -18.59 15.35
N ILE B 280 28.61 -18.42 15.12
CA ILE B 280 29.53 -18.00 16.15
C ILE B 280 29.46 -16.50 16.44
N PHE B 281 29.24 -15.68 15.41
CA PHE B 281 29.15 -14.25 15.64
C PHE B 281 27.87 -13.96 16.41
N ALA B 282 26.86 -14.78 16.16
CA ALA B 282 25.59 -14.59 16.85
C ALA B 282 25.75 -15.02 18.31
N ALA B 283 26.22 -16.23 18.53
CA ALA B 283 26.40 -16.71 19.90
C ALA B 283 27.35 -15.79 20.69
N ALA B 284 28.29 -15.16 19.99
CA ALA B 284 29.24 -14.28 20.65
C ALA B 284 28.61 -12.95 21.03
N SER B 285 27.69 -12.46 20.20
CA SER B 285 27.03 -11.18 20.47
C SER B 285 26.02 -11.37 21.59
N ILE B 286 25.35 -12.51 21.56
CA ILE B 286 24.36 -12.84 22.57
C ILE B 286 25.02 -12.87 23.95
N LEU B 287 26.16 -13.54 24.04
CA LEU B 287 26.90 -13.66 25.29
C LEU B 287 27.42 -12.32 25.80
N GLU B 288 27.64 -11.38 24.89
CA GLU B 288 28.11 -10.05 25.29
C GLU B 288 26.90 -9.16 25.51
N GLY B 289 25.71 -9.72 25.35
CA GLY B 289 24.48 -8.99 25.53
C GLY B 289 24.24 -7.93 24.48
N VAL B 290 24.88 -8.02 23.32
CA VAL B 290 24.66 -7.04 22.27
C VAL B 290 23.68 -7.57 21.21
N PRO B 291 22.71 -6.73 20.80
CA PRO B 291 21.73 -7.15 19.79
C PRO B 291 22.42 -7.67 18.53
N TYR B 292 21.87 -8.72 17.94
CA TYR B 292 22.45 -9.28 16.73
C TYR B 292 21.46 -9.35 15.58
N ILE B 293 21.80 -8.69 14.47
CA ILE B 293 20.92 -8.68 13.29
C ILE B 293 21.53 -9.43 12.13
N ASN B 294 20.80 -10.42 11.64
CA ASN B 294 21.20 -11.25 10.52
C ASN B 294 20.63 -10.71 9.21
N GLY B 295 21.48 -10.08 8.39
CA GLY B 295 21.00 -9.53 7.13
C GLY B 295 21.11 -10.43 5.89
N SER B 296 21.28 -11.73 6.10
CA SER B 296 21.38 -12.67 5.00
C SER B 296 20.32 -13.74 5.16
N PRO B 297 20.00 -14.47 4.08
CA PRO B 297 18.99 -15.52 4.14
C PRO B 297 19.29 -16.80 4.92
N GLN B 298 20.57 -17.11 5.12
CA GLN B 298 20.93 -18.34 5.84
C GLN B 298 20.27 -18.45 7.22
N ASN B 299 19.93 -19.68 7.62
CA ASN B 299 19.28 -19.92 8.91
C ASN B 299 20.26 -19.92 10.09
N THR B 300 20.80 -18.75 10.39
CA THR B 300 21.73 -18.59 11.50
C THR B 300 21.05 -18.89 12.83
N PHE B 301 19.87 -18.31 13.01
CA PHE B 301 19.09 -18.44 14.23
C PHE B 301 18.45 -19.80 14.42
N VAL B 302 19.26 -20.84 14.56
CA VAL B 302 18.72 -22.17 14.76
C VAL B 302 18.11 -22.20 16.15
N PRO B 303 17.34 -23.26 16.48
CA PRO B 303 16.71 -23.36 17.80
C PRO B 303 17.67 -23.00 18.93
N GLY B 304 18.68 -23.83 19.13
CA GLY B 304 19.65 -23.59 20.18
C GLY B 304 20.04 -22.14 20.36
N LEU B 305 20.33 -21.47 19.25
CA LEU B 305 20.74 -20.07 19.26
C LEU B 305 19.63 -19.15 19.77
N VAL B 306 18.38 -19.51 19.47
CA VAL B 306 17.27 -18.70 19.92
C VAL B 306 17.14 -18.83 21.44
N GLN B 307 17.32 -20.04 21.95
CA GLN B 307 17.24 -20.27 23.39
C GLN B 307 18.25 -19.36 24.10
N LEU B 308 19.52 -19.49 23.71
CA LEU B 308 20.59 -18.69 24.29
C LEU B 308 20.26 -17.21 24.26
N ALA B 309 19.47 -16.80 23.26
CA ALA B 309 19.08 -15.39 23.12
C ALA B 309 18.03 -15.00 24.16
N GLU B 310 17.10 -15.92 24.42
CA GLU B 310 16.04 -15.69 25.39
C GLU B 310 16.64 -15.70 26.79
N HIS B 311 17.40 -16.76 27.07
CA HIS B 311 18.05 -16.93 28.36
C HIS B 311 18.85 -15.70 28.76
N GLU B 312 19.62 -15.14 27.83
CA GLU B 312 20.42 -13.97 28.12
C GLU B 312 19.57 -12.72 27.99
N GLY B 313 18.36 -12.88 27.47
CA GLY B 313 17.47 -11.75 27.27
C GLY B 313 18.11 -10.77 26.30
N THR B 314 18.62 -11.28 25.17
CA THR B 314 19.28 -10.46 24.15
C THR B 314 18.41 -10.38 22.88
N PHE B 315 18.41 -9.24 22.21
CA PHE B 315 17.62 -9.08 20.99
C PHE B 315 18.33 -9.58 19.75
N ILE B 316 17.64 -10.44 19.00
CA ILE B 316 18.14 -10.98 17.74
C ILE B 316 17.06 -10.67 16.71
N ALA B 317 17.40 -10.82 15.42
CA ALA B 317 16.44 -10.54 14.35
C ALA B 317 17.08 -10.77 13.00
N GLY B 318 16.26 -11.01 11.97
CA GLY B 318 16.84 -11.18 10.65
C GLY B 318 16.21 -12.05 9.58
N ASP B 319 17.11 -12.50 8.70
CA ASP B 319 16.87 -13.36 7.54
C ASP B 319 16.62 -12.63 6.22
N ASP B 320 17.70 -12.02 5.73
CA ASP B 320 17.78 -11.28 4.46
C ASP B 320 17.43 -9.79 4.46
N LEU B 321 18.23 -9.01 3.76
CA LEU B 321 17.98 -7.59 3.65
C LEU B 321 17.00 -7.43 2.50
N LYS B 322 15.71 -7.47 2.87
CA LYS B 322 14.55 -7.32 1.97
C LYS B 322 14.87 -6.49 0.75
N SER B 323 15.26 -7.13 -0.36
CA SER B 323 15.59 -6.36 -1.55
C SER B 323 14.45 -5.39 -1.90
N GLY B 324 14.81 -4.27 -2.52
CA GLY B 324 13.82 -3.27 -2.88
C GLY B 324 12.84 -3.77 -3.92
N GLN B 325 13.18 -4.89 -4.55
CA GLN B 325 12.33 -5.49 -5.57
C GLN B 325 11.31 -6.39 -4.90
N THR B 326 11.77 -7.24 -3.99
CA THR B 326 10.88 -8.16 -3.27
C THR B 326 9.89 -7.32 -2.47
N LYS B 327 10.40 -6.21 -1.96
CA LYS B 327 9.64 -5.26 -1.17
C LYS B 327 8.46 -4.79 -2.02
N LEU B 328 8.80 -4.14 -3.13
CA LEU B 328 7.83 -3.61 -4.08
C LEU B 328 6.99 -4.67 -4.80
N LYS B 329 7.60 -5.81 -5.07
CA LYS B 329 6.93 -6.91 -5.76
C LYS B 329 5.83 -7.47 -4.88
N SER B 330 6.06 -7.44 -3.57
CA SER B 330 5.08 -7.95 -2.61
C SER B 330 3.94 -6.93 -2.47
N VAL B 331 4.26 -5.64 -2.66
CA VAL B 331 3.24 -4.60 -2.56
C VAL B 331 2.26 -4.67 -3.75
N LEU B 332 2.78 -4.72 -4.97
CA LEU B 332 1.90 -4.80 -6.14
C LEU B 332 1.04 -6.04 -6.06
N ALA B 333 1.66 -7.18 -5.77
CA ALA B 333 0.94 -8.43 -5.68
C ALA B 333 -0.26 -8.31 -4.75
N GLN B 334 -0.04 -7.68 -3.61
CA GLN B 334 -1.09 -7.51 -2.63
C GLN B 334 -2.14 -6.52 -3.15
N PHE B 335 -1.67 -5.50 -3.86
CA PHE B 335 -2.56 -4.50 -4.43
C PHE B 335 -3.58 -5.16 -5.36
N LEU B 336 -3.08 -6.03 -6.24
CA LEU B 336 -3.94 -6.77 -7.19
C LEU B 336 -4.96 -7.63 -6.46
N VAL B 337 -4.50 -8.45 -5.51
CA VAL B 337 -5.40 -9.31 -4.76
C VAL B 337 -6.42 -8.54 -3.91
N ASP B 338 -6.05 -7.33 -3.49
CA ASP B 338 -6.97 -6.51 -2.70
C ASP B 338 -8.03 -5.91 -3.62
N ALA B 339 -7.70 -5.87 -4.90
CA ALA B 339 -8.62 -5.34 -5.91
C ALA B 339 -9.51 -6.41 -6.53
N GLY B 340 -9.38 -7.66 -6.07
CA GLY B 340 -10.21 -8.72 -6.62
C GLY B 340 -9.67 -9.29 -7.92
N ILE B 341 -8.43 -8.94 -8.23
CA ILE B 341 -7.74 -9.39 -9.44
C ILE B 341 -6.86 -10.59 -9.08
N LYS B 342 -6.94 -11.64 -9.88
CA LYS B 342 -6.19 -12.87 -9.62
C LYS B 342 -4.88 -13.11 -10.36
N PRO B 343 -3.74 -12.76 -9.74
CA PRO B 343 -2.48 -13.01 -10.47
C PRO B 343 -2.38 -14.53 -10.59
N VAL B 344 -2.26 -15.03 -11.81
CA VAL B 344 -2.16 -16.47 -12.00
C VAL B 344 -0.73 -16.89 -12.32
N SER B 345 0.14 -15.89 -12.49
CA SER B 345 1.54 -16.12 -12.82
C SER B 345 2.38 -14.90 -12.45
N ILE B 346 3.58 -15.15 -11.96
CA ILE B 346 4.50 -14.08 -11.57
C ILE B 346 5.94 -14.50 -11.79
N ALA B 347 6.61 -13.88 -12.76
CA ALA B 347 8.00 -14.21 -13.05
C ALA B 347 8.98 -13.11 -12.62
N SER B 348 10.02 -13.49 -11.90
CA SER B 348 11.04 -12.54 -11.44
C SER B 348 12.40 -12.94 -12.00
N TYR B 349 13.13 -11.96 -12.51
CA TYR B 349 14.46 -12.17 -13.08
C TYR B 349 15.35 -11.04 -12.63
N ASN B 350 16.40 -11.36 -11.90
CA ASN B 350 17.35 -10.37 -11.39
C ASN B 350 18.78 -10.71 -11.78
N HIS B 351 19.56 -9.71 -12.19
CA HIS B 351 20.96 -9.95 -12.51
C HIS B 351 21.83 -8.78 -12.04
N LEU B 352 22.90 -9.13 -11.34
CA LEU B 352 23.83 -8.15 -10.78
C LEU B 352 25.30 -8.51 -11.02
N GLY B 353 26.18 -7.52 -10.88
CA GLY B 353 27.60 -7.77 -11.10
C GLY B 353 28.51 -7.60 -9.91
N ASN B 354 27.95 -7.50 -8.71
CA ASN B 354 28.79 -7.35 -7.52
C ASN B 354 29.23 -8.71 -6.96
N ASN B 355 30.00 -8.67 -5.87
CA ASN B 355 30.50 -9.90 -5.23
C ASN B 355 29.30 -10.67 -4.68
N ASP B 356 28.31 -9.94 -4.18
CA ASP B 356 27.09 -10.51 -3.63
C ASP B 356 26.51 -11.45 -4.69
N GLY B 357 26.34 -10.94 -5.91
CA GLY B 357 25.82 -11.77 -6.98
C GLY B 357 26.84 -12.81 -7.36
N TYR B 358 28.11 -12.52 -7.08
CA TYR B 358 29.20 -13.45 -7.40
C TYR B 358 29.15 -14.65 -6.47
N ASN B 359 28.74 -14.41 -5.22
CA ASN B 359 28.64 -15.45 -4.20
C ASN B 359 27.36 -16.28 -4.36
N LEU B 360 26.32 -15.66 -4.92
CA LEU B 360 25.03 -16.33 -5.16
C LEU B 360 25.14 -17.25 -6.37
N SER B 361 26.26 -17.16 -7.09
CA SER B 361 26.51 -17.97 -8.28
C SER B 361 26.33 -19.45 -7.91
N ALA B 362 26.94 -19.84 -6.80
CA ALA B 362 26.82 -21.22 -6.31
C ALA B 362 25.39 -21.42 -5.81
N PRO B 363 24.68 -22.44 -6.36
CA PRO B 363 23.30 -22.77 -5.99
C PRO B 363 23.05 -22.93 -4.49
N LYS B 364 24.12 -23.24 -3.76
CA LYS B 364 24.07 -23.42 -2.30
C LYS B 364 23.84 -22.08 -1.60
N GLN B 365 24.41 -21.02 -2.16
CA GLN B 365 24.27 -19.67 -1.65
C GLN B 365 22.95 -19.07 -2.13
N PHE B 366 22.64 -19.26 -3.41
CA PHE B 366 21.40 -18.76 -4.00
C PHE B 366 20.15 -19.46 -3.46
N ARG B 367 20.27 -20.75 -3.13
CA ARG B 367 19.14 -21.52 -2.60
C ARG B 367 18.58 -20.90 -1.33
N SER B 368 19.47 -20.27 -0.56
CA SER B 368 19.10 -19.59 0.69
C SER B 368 18.33 -18.33 0.33
N LYS B 369 18.79 -17.66 -0.73
CA LYS B 369 18.18 -16.43 -1.22
C LYS B 369 16.80 -16.70 -1.86
N GLU B 370 16.72 -17.75 -2.67
CA GLU B 370 15.48 -18.16 -3.35
C GLU B 370 14.34 -18.41 -2.34
N ILE B 371 14.61 -18.12 -1.07
CA ILE B 371 13.65 -18.28 0.04
C ILE B 371 13.51 -16.93 0.78
N VAL B 376 5.97 -16.07 0.77
CA VAL B 376 5.34 -14.76 0.82
C VAL B 376 4.12 -14.67 -0.11
N ILE B 377 4.22 -15.35 -1.26
CA ILE B 377 3.14 -15.37 -2.24
C ILE B 377 2.02 -16.26 -1.71
N ASP B 378 2.39 -17.29 -0.95
CA ASP B 378 1.45 -18.24 -0.37
C ASP B 378 0.57 -17.60 0.70
N ASP B 379 0.98 -16.42 1.17
CA ASP B 379 0.24 -15.69 2.19
C ASP B 379 -0.88 -14.89 1.53
N ILE B 380 -0.53 -14.19 0.45
CA ILE B 380 -1.50 -13.39 -0.30
C ILE B 380 -2.58 -14.32 -0.84
N ILE B 381 -2.14 -15.37 -1.54
CA ILE B 381 -3.04 -16.37 -2.10
C ILE B 381 -3.88 -17.01 -0.99
N ALA B 382 -3.33 -16.99 0.23
CA ALA B 382 -4.01 -17.55 1.39
C ALA B 382 -5.10 -16.61 1.89
N SER B 383 -4.87 -15.30 1.72
CA SER B 383 -5.81 -14.28 2.17
C SER B 383 -7.11 -14.25 1.38
N ASN B 384 -7.06 -14.76 0.16
CA ASN B 384 -8.23 -14.73 -0.70
C ASN B 384 -8.64 -16.09 -1.27
N ASP B 385 -9.58 -16.76 -0.61
CA ASP B 385 -10.03 -18.05 -1.11
C ASP B 385 -11.16 -17.85 -2.13
N ILE B 386 -11.52 -16.60 -2.37
CA ILE B 386 -12.57 -16.29 -3.34
C ILE B 386 -12.00 -16.53 -4.72
N LEU B 387 -10.73 -16.15 -4.88
CA LEU B 387 -10.04 -16.31 -6.15
C LEU B 387 -9.21 -17.59 -6.10
N TYR B 388 -8.77 -17.95 -4.90
CA TYR B 388 -7.95 -19.15 -4.75
C TYR B 388 -8.60 -20.28 -3.96
N ASN B 389 -9.08 -21.29 -4.68
CA ASN B 389 -9.73 -22.45 -4.09
C ASN B 389 -9.62 -23.60 -5.08
N ASP B 390 -10.14 -24.76 -4.70
CA ASP B 390 -10.09 -25.93 -5.57
C ASP B 390 -11.02 -25.92 -6.78
N LYS B 391 -12.03 -25.05 -6.76
CA LYS B 391 -12.95 -24.97 -7.88
C LYS B 391 -12.38 -24.09 -9.00
N LEU B 392 -11.66 -23.04 -8.61
CA LEU B 392 -11.07 -22.11 -9.57
C LEU B 392 -9.60 -22.46 -9.83
N GLY B 393 -8.85 -22.72 -8.77
CA GLY B 393 -7.44 -23.04 -8.90
C GLY B 393 -6.66 -22.21 -7.90
N LYS B 394 -6.37 -22.79 -6.74
CA LYS B 394 -5.64 -22.11 -5.68
C LYS B 394 -4.14 -22.13 -5.88
N LYS B 395 -3.69 -21.91 -7.11
CA LYS B 395 -2.26 -21.92 -7.38
C LYS B 395 -1.77 -20.70 -8.16
N VAL B 396 -0.53 -20.32 -7.90
CA VAL B 396 0.10 -19.19 -8.58
C VAL B 396 1.51 -19.59 -9.00
N ASP B 397 1.74 -19.71 -10.29
CA ASP B 397 3.08 -20.06 -10.76
C ASP B 397 3.98 -18.88 -10.41
N HIS B 398 5.18 -19.19 -9.93
CA HIS B 398 6.13 -18.15 -9.56
C HIS B 398 7.54 -18.69 -9.76
N CYS B 399 8.46 -17.81 -10.13
CA CYS B 399 9.85 -18.21 -10.32
C CYS B 399 10.77 -17.06 -9.93
N ILE B 400 11.93 -17.40 -9.39
CA ILE B 400 12.92 -16.42 -8.95
C ILE B 400 14.30 -16.77 -9.50
N VAL B 401 14.75 -16.00 -10.49
CA VAL B 401 16.04 -16.22 -11.13
C VAL B 401 17.03 -15.09 -10.89
N ILE B 402 18.18 -15.42 -10.29
CA ILE B 402 19.25 -14.44 -10.03
C ILE B 402 20.47 -14.85 -10.87
N LYS B 403 20.94 -13.96 -11.75
CA LYS B 403 22.10 -14.27 -12.59
C LYS B 403 23.23 -13.29 -12.34
N TYR B 404 24.47 -13.75 -12.44
CA TYR B 404 25.63 -12.88 -12.22
C TYR B 404 26.19 -12.28 -13.51
N MET B 405 25.92 -11.00 -13.73
CA MET B 405 26.38 -10.27 -14.90
C MET B 405 27.34 -9.17 -14.42
N LYS B 406 28.59 -9.55 -14.15
CA LYS B 406 29.63 -8.65 -13.64
C LYS B 406 29.72 -7.22 -14.21
N PRO B 407 29.43 -7.04 -15.52
CA PRO B 407 29.49 -5.72 -16.17
C PRO B 407 28.50 -4.68 -15.64
N VAL B 408 27.39 -5.13 -15.06
CA VAL B 408 26.39 -4.20 -14.52
C VAL B 408 26.79 -3.74 -13.12
N GLY B 409 27.87 -4.32 -12.59
CA GLY B 409 28.36 -3.97 -11.27
C GLY B 409 27.35 -4.06 -10.15
N ASP B 410 27.33 -3.06 -9.28
CA ASP B 410 26.39 -3.03 -8.15
C ASP B 410 25.02 -2.58 -8.64
N SER B 411 24.99 -1.98 -9.83
CA SER B 411 23.76 -1.49 -10.44
C SER B 411 22.93 -2.65 -10.97
N LYS B 412 22.14 -3.25 -10.09
CA LYS B 412 21.30 -4.38 -10.44
C LYS B 412 20.10 -4.02 -11.31
N VAL B 413 19.56 -5.02 -12.02
CA VAL B 413 18.39 -4.83 -12.85
C VAL B 413 17.42 -5.93 -12.44
N ALA B 414 16.21 -5.54 -12.07
CA ALA B 414 15.19 -6.48 -11.67
C ALA B 414 14.01 -6.33 -12.61
N MET B 415 13.35 -7.43 -12.93
CA MET B 415 12.21 -7.43 -13.83
C MET B 415 11.18 -8.42 -13.31
N ASP B 416 9.96 -7.95 -13.13
CA ASP B 416 8.88 -8.78 -12.67
C ASP B 416 7.72 -8.67 -13.62
N GLU B 417 7.18 -9.81 -13.99
CA GLU B 417 6.08 -9.87 -14.93
C GLU B 417 4.93 -10.53 -14.22
N TYR B 418 3.79 -9.84 -14.17
CA TYR B 418 2.59 -10.39 -13.53
C TYR B 418 1.55 -10.62 -14.60
N TYR B 419 0.97 -11.82 -14.61
CA TYR B 419 -0.07 -12.15 -15.56
C TYR B 419 -1.27 -12.51 -14.68
N SER B 420 -2.36 -11.75 -14.80
CA SER B 420 -3.54 -11.98 -14.00
C SER B 420 -4.77 -12.14 -14.85
N GLU B 421 -5.80 -12.73 -14.24
CA GLU B 421 -7.06 -12.92 -14.94
C GLU B 421 -8.02 -11.82 -14.49
N LEU B 422 -8.76 -11.29 -15.46
CA LEU B 422 -9.74 -10.26 -15.20
C LEU B 422 -11.07 -10.96 -15.38
N MET B 423 -12.17 -10.23 -15.35
CA MET B 423 -13.46 -10.89 -15.50
C MET B 423 -13.74 -11.34 -16.93
N LEU B 424 -14.71 -12.23 -17.08
CA LEU B 424 -15.13 -12.71 -18.37
C LEU B 424 -14.03 -13.06 -19.38
N GLY B 425 -13.05 -13.84 -18.95
CA GLY B 425 -11.99 -14.25 -19.86
C GLY B 425 -10.87 -13.28 -20.13
N GLY B 426 -10.93 -12.07 -19.59
CA GLY B 426 -9.86 -11.12 -19.84
C GLY B 426 -8.58 -11.42 -19.07
N HIS B 427 -7.51 -10.71 -19.41
CA HIS B 427 -6.23 -10.88 -18.75
C HIS B 427 -5.53 -9.53 -18.62
N ASN B 428 -4.58 -9.48 -17.70
CA ASN B 428 -3.83 -8.26 -17.47
C ASN B 428 -2.36 -8.65 -17.33
N ARG B 429 -1.48 -7.96 -18.04
CA ARG B 429 -0.06 -8.27 -17.93
C ARG B 429 0.66 -7.01 -17.48
N ILE B 430 1.40 -7.09 -16.38
CA ILE B 430 2.13 -5.93 -15.86
C ILE B 430 3.61 -6.27 -15.76
N SER B 431 4.46 -5.42 -16.29
CA SER B 431 5.90 -5.64 -16.24
C SER B 431 6.56 -4.55 -15.41
N ILE B 432 7.38 -4.94 -14.44
CA ILE B 432 8.08 -3.97 -13.62
C ILE B 432 9.59 -4.11 -13.87
N HIS B 433 10.19 -3.04 -14.38
CA HIS B 433 11.61 -3.04 -14.67
C HIS B 433 12.26 -2.10 -13.65
N ASN B 434 13.15 -2.62 -12.82
CA ASN B 434 13.77 -1.82 -11.78
C ASN B 434 15.28 -1.78 -11.91
N VAL B 435 15.85 -0.57 -11.91
CA VAL B 435 17.28 -0.45 -12.02
C VAL B 435 17.80 0.51 -10.98
N CYS B 436 18.83 0.10 -10.24
CA CYS B 436 19.47 0.94 -9.25
C CYS B 436 20.65 0.24 -8.61
N GLU B 437 21.50 1.01 -7.95
CA GLU B 437 22.65 0.45 -7.27
C GLU B 437 22.10 -0.19 -6.01
N ASP B 438 22.12 -1.51 -5.99
CA ASP B 438 21.61 -2.29 -4.87
C ASP B 438 22.00 -1.77 -3.48
N SER B 439 23.27 -1.42 -3.31
CA SER B 439 23.77 -0.95 -2.03
C SER B 439 23.19 0.38 -1.56
N LEU B 440 22.79 1.24 -2.50
CA LEU B 440 22.20 2.53 -2.14
C LEU B 440 20.81 2.35 -1.57
N LEU B 441 20.29 1.13 -1.68
CA LEU B 441 18.99 0.81 -1.13
C LEU B 441 19.20 -0.02 0.13
N ALA B 442 20.22 -0.87 0.12
CA ALA B 442 20.50 -1.72 1.27
C ALA B 442 21.12 -0.93 2.42
N THR B 443 22.01 0.00 2.11
CA THR B 443 22.64 0.79 3.16
C THR B 443 21.58 1.44 4.06
N PRO B 444 20.71 2.31 3.51
CA PRO B 444 19.68 2.95 4.33
C PRO B 444 18.80 1.97 5.07
N LEU B 445 18.61 0.78 4.51
CA LEU B 445 17.79 -0.22 5.16
C LEU B 445 18.56 -0.64 6.41
N ILE B 446 19.87 -0.80 6.25
CA ILE B 446 20.71 -1.20 7.35
C ILE B 446 20.63 -0.14 8.45
N ILE B 447 20.64 1.13 8.06
CA ILE B 447 20.55 2.22 9.01
C ILE B 447 19.24 2.17 9.78
N ASP B 448 18.14 1.91 9.07
CA ASP B 448 16.83 1.84 9.72
C ASP B 448 16.78 0.69 10.72
N LEU B 449 17.39 -0.44 10.36
CA LEU B 449 17.39 -1.61 11.24
C LEU B 449 18.16 -1.35 12.54
N LEU B 450 19.32 -0.71 12.43
CA LEU B 450 20.16 -0.41 13.59
C LEU B 450 19.46 0.62 14.47
N VAL B 451 18.82 1.60 13.85
CA VAL B 451 18.11 2.62 14.60
C VAL B 451 16.92 2.06 15.37
N MET B 452 16.14 1.19 14.73
CA MET B 452 14.98 0.61 15.39
C MET B 452 15.31 -0.49 16.39
N THR B 453 16.44 -1.16 16.19
CA THR B 453 16.84 -2.20 17.14
C THR B 453 17.28 -1.50 18.41
N GLU B 454 18.05 -0.43 18.25
CA GLU B 454 18.52 0.34 19.39
C GLU B 454 17.31 0.88 20.12
N PHE B 455 16.33 1.37 19.35
CA PHE B 455 15.10 1.92 19.94
C PHE B 455 14.37 0.88 20.76
N CYS B 456 14.22 -0.33 20.23
CA CYS B 456 13.49 -1.37 20.95
C CYS B 456 14.19 -1.89 22.20
N THR B 457 15.50 -1.74 22.28
CA THR B 457 16.20 -2.22 23.45
C THR B 457 15.88 -1.33 24.65
N ARG B 458 15.32 -0.15 24.39
CA ARG B 458 14.95 0.78 25.45
C ARG B 458 13.46 0.72 25.76
N VAL B 459 12.81 -0.36 25.33
CA VAL B 459 11.40 -0.53 25.55
C VAL B 459 11.11 -1.83 26.28
N SER B 460 10.30 -1.74 27.32
CA SER B 460 9.91 -2.89 28.14
C SER B 460 8.40 -2.86 28.31
N TYR B 461 7.80 -4.00 28.57
CA TYR B 461 6.36 -4.05 28.71
C TYR B 461 5.89 -4.98 29.82
N LYS B 462 4.64 -4.79 30.24
CA LYS B 462 4.04 -5.64 31.26
C LYS B 462 2.55 -5.66 31.00
N LYS B 463 1.95 -6.85 31.05
CA LYS B 463 0.52 -7.00 30.86
C LYS B 463 -0.17 -6.53 32.14
N VAL B 464 -1.41 -6.08 32.04
CA VAL B 464 -2.12 -5.62 33.24
C VAL B 464 -3.62 -5.86 33.12
N LYS B 473 6.46 -7.44 36.87
CA LYS B 473 7.71 -6.79 36.48
C LYS B 473 7.88 -6.74 34.98
N PHE B 474 8.32 -5.59 34.47
CA PHE B 474 8.54 -5.36 33.05
C PHE B 474 9.47 -6.37 32.39
N GLU B 475 9.07 -6.82 31.20
CA GLU B 475 9.84 -7.78 30.42
C GLU B 475 10.41 -7.11 29.18
N ASN B 476 11.49 -7.69 28.64
CA ASN B 476 12.12 -7.13 27.45
C ASN B 476 11.20 -7.29 26.26
N PHE B 477 11.31 -6.36 25.31
CA PHE B 477 10.48 -6.40 24.10
C PHE B 477 10.80 -7.64 23.27
N TYR B 478 10.32 -8.80 23.74
CA TYR B 478 10.54 -10.11 23.12
C TYR B 478 11.63 -10.19 22.04
N PRO B 479 12.80 -10.77 22.40
CA PRO B 479 13.98 -10.96 21.56
C PRO B 479 13.77 -10.90 20.04
N VAL B 480 12.92 -11.78 19.51
CA VAL B 480 12.65 -11.77 18.08
C VAL B 480 11.82 -10.52 17.75
N LEU B 481 12.53 -9.49 17.29
CA LEU B 481 11.91 -8.21 16.94
C LEU B 481 11.16 -8.30 15.59
N THR B 482 9.87 -8.62 15.67
CA THR B 482 9.01 -8.76 14.49
C THR B 482 8.77 -7.45 13.73
N PHE B 483 8.76 -6.33 14.44
CA PHE B 483 8.55 -5.04 13.80
C PHE B 483 9.57 -4.82 12.70
N LEU B 484 10.67 -5.57 12.77
CA LEU B 484 11.75 -5.48 11.80
C LEU B 484 11.55 -6.37 10.55
N SER B 485 10.34 -6.89 10.34
CA SER B 485 10.06 -7.74 9.18
C SER B 485 10.03 -6.91 7.90
N TYR B 486 9.71 -5.62 8.06
CA TYR B 486 9.64 -4.70 6.94
C TYR B 486 10.95 -4.62 6.16
N TRP B 487 12.05 -4.84 6.87
CA TRP B 487 13.38 -4.77 6.28
C TRP B 487 14.08 -6.13 6.16
N LEU B 488 13.31 -7.21 6.19
CA LEU B 488 13.87 -8.54 6.07
C LEU B 488 12.95 -9.46 5.27
N LYS B 489 13.46 -9.89 4.11
CA LYS B 489 12.77 -10.76 3.16
C LYS B 489 12.15 -12.02 3.76
N ALA B 490 12.87 -12.68 4.65
CA ALA B 490 12.37 -13.90 5.30
C ALA B 490 12.20 -13.68 6.81
N PRO B 491 11.19 -12.88 7.21
CA PRO B 491 10.91 -12.58 8.61
C PRO B 491 11.07 -13.77 9.58
N LEU B 492 11.99 -13.63 10.52
CA LEU B 492 12.22 -14.67 11.52
C LEU B 492 10.91 -14.70 12.32
N THR B 493 10.61 -15.82 12.98
CA THR B 493 9.36 -15.91 13.73
C THR B 493 9.45 -16.62 15.08
N ARG B 494 8.30 -16.68 15.74
CA ARG B 494 8.13 -17.33 17.03
C ARG B 494 7.48 -18.67 16.73
N PRO B 495 7.94 -19.75 17.38
CA PRO B 495 7.38 -21.09 17.15
C PRO B 495 5.84 -21.15 17.13
N GLY B 496 5.28 -21.45 15.96
CA GLY B 496 3.83 -21.54 15.81
C GLY B 496 3.21 -20.46 14.93
N PHE B 497 3.66 -19.22 15.12
CA PHE B 497 3.18 -18.07 14.36
C PHE B 497 3.90 -17.95 13.01
N HIS B 498 3.12 -17.71 11.95
CA HIS B 498 3.67 -17.58 10.61
C HIS B 498 3.92 -16.10 10.33
N PRO B 499 5.00 -15.78 9.60
CA PRO B 499 5.28 -14.38 9.29
C PRO B 499 4.34 -13.75 8.27
N VAL B 500 4.25 -12.42 8.33
CA VAL B 500 3.42 -11.64 7.42
C VAL B 500 4.37 -10.64 6.76
N ASN B 501 4.43 -10.69 5.43
CA ASN B 501 5.33 -9.84 4.66
C ASN B 501 4.71 -8.58 4.05
N GLY B 502 3.39 -8.45 4.14
CA GLY B 502 2.71 -7.28 3.60
C GLY B 502 3.47 -6.06 4.08
N LEU B 503 4.25 -5.47 3.17
CA LEU B 503 5.08 -4.31 3.51
C LEU B 503 4.35 -3.12 4.13
N ASN B 504 3.16 -2.80 3.62
CA ASN B 504 2.41 -1.67 4.16
C ASN B 504 1.99 -1.96 5.58
N LYS B 505 1.74 -3.24 5.86
CA LYS B 505 1.33 -3.67 7.19
C LYS B 505 2.54 -3.76 8.14
N GLN B 506 3.72 -3.97 7.56
CA GLN B 506 4.95 -4.05 8.35
C GLN B 506 5.36 -2.65 8.76
N ARG B 507 4.90 -1.66 8.01
CA ARG B 507 5.20 -0.26 8.33
C ARG B 507 4.06 0.30 9.16
N THR B 508 2.87 -0.29 9.01
CA THR B 508 1.71 0.14 9.77
C THR B 508 1.91 -0.30 11.20
N ALA B 509 2.59 -1.42 11.39
CA ALA B 509 2.86 -1.94 12.71
C ALA B 509 3.80 -0.96 13.42
N LEU B 510 4.93 -0.69 12.79
CA LEU B 510 5.91 0.23 13.35
C LEU B 510 5.29 1.59 13.67
N GLU B 511 4.54 2.10 12.71
CA GLU B 511 3.89 3.40 12.87
C GLU B 511 2.95 3.44 14.07
N ASN B 512 2.07 2.45 14.19
CA ASN B 512 1.12 2.41 15.30
C ASN B 512 1.82 2.18 16.63
N PHE B 513 2.91 1.42 16.63
CA PHE B 513 3.67 1.15 17.85
C PHE B 513 4.23 2.48 18.36
N LEU B 514 4.84 3.26 17.48
CA LEU B 514 5.37 4.55 17.87
C LEU B 514 4.22 5.43 18.38
N ARG B 515 3.08 5.35 17.71
CA ARG B 515 1.91 6.13 18.10
C ARG B 515 1.35 5.72 19.46
N LEU B 516 1.25 4.42 19.70
CA LEU B 516 0.73 3.94 20.98
C LEU B 516 1.65 4.31 22.14
N LEU B 517 2.94 4.49 21.85
CA LEU B 517 3.91 4.85 22.87
C LEU B 517 3.71 6.29 23.32
N ILE B 518 3.11 7.14 22.47
CA ILE B 518 2.89 8.52 22.86
C ILE B 518 1.39 8.83 23.03
N GLY B 519 0.62 7.78 23.32
CA GLY B 519 -0.80 7.94 23.56
C GLY B 519 -1.75 8.11 22.39
N LEU B 520 -1.29 7.89 21.16
CA LEU B 520 -2.16 8.02 20.00
C LEU B 520 -2.66 6.66 19.54
N PRO B 521 -3.94 6.60 19.08
CA PRO B 521 -4.56 5.37 18.61
C PRO B 521 -4.09 4.97 17.20
N SER B 522 -4.45 3.77 16.77
CA SER B 522 -4.06 3.31 15.45
C SER B 522 -4.81 4.12 14.42
N GLN B 523 -4.19 4.31 13.25
CA GLN B 523 -4.80 5.07 12.15
C GLN B 523 -6.05 4.33 11.69
N ASN B 524 -7.14 5.04 11.46
CA ASN B 524 -8.34 4.35 10.99
C ASN B 524 -8.75 4.87 9.62
N GLU B 525 -8.27 6.05 9.25
CA GLU B 525 -8.58 6.66 7.95
C GLU B 525 -10.06 6.95 7.71
N LEU B 526 -10.85 6.95 8.78
CA LEU B 526 -12.29 7.19 8.68
C LEU B 526 -12.65 8.63 8.38
N ARG B 527 -11.77 9.55 8.78
CA ARG B 527 -12.00 10.96 8.53
C ARG B 527 -13.46 11.37 8.69
N PHE B 528 -14.03 11.07 9.85
CA PHE B 528 -15.42 11.43 10.11
C PHE B 528 -15.66 12.92 10.19
N GLU B 529 -14.60 13.71 10.37
CA GLU B 529 -14.76 15.17 10.42
C GLU B 529 -15.22 15.68 9.05
N GLU B 530 -15.00 14.86 8.03
CA GLU B 530 -15.40 15.21 6.68
C GLU B 530 -16.59 14.39 6.21
N ARG B 531 -16.48 13.07 6.33
CA ARG B 531 -17.56 12.18 5.87
C ARG B 531 -18.91 12.36 6.54
N LEU B 532 -18.90 12.73 7.82
CA LEU B 532 -20.15 12.90 8.55
C LEU B 532 -20.49 14.38 8.69
N LEU B 533 -21.77 14.66 8.94
CA LEU B 533 -22.25 16.03 9.10
C LEU B 533 -21.69 16.65 10.37
#